data_4F6L
#
_entry.id   4F6L
#
_cell.length_a   104.812
_cell.length_b   107.778
_cell.length_c   127.314
_cell.angle_alpha   90.00
_cell.angle_beta   90.00
_cell.angle_gamma   90.00
#
_symmetry.space_group_name_H-M   'P 21 21 21'
#
_entity_poly.entity_id   1
_entity_poly.type   'polypeptide(L)'
_entity_poly.pdbx_seq_one_letter_code
;MGSSHHHHHHSSGLVPRGSHMASMTGGQQMGRDPSNKVYSEPSNEIEQTFVDVFGEVLKQNDVGVDDDFFELGGNSLEAM
LVVSHLKRFGHHISMQTLYQYKTVRQIVNYMYQNQQSLVALPDNLSELQKIVMSRYNLGILEDSLSHRPLGNTLLTGATG
FLGAYLIEALQGYSHRIYCFIRADNEEIAWYKLMTNLNDYFSEETVEMMLSNIEVIVGDFECMDDVVLPENMDTIIHAGA
RTDHFGDDDEFEKVNVQGTVDVIRLAQQHHARLIYVSTISVGTYFDIDTEDVTFSEADVYKGQLLTSPYTRSKFYSELKV
LEAVNNGLDGRIVRVGNLTSPYNGRWHMRNIKTNRFSMVMNDLLQLDCIGVSMAEMPVDFSFVDTTARQIVALAQVNTPQ
IIYHVLSPNKMPVKSLLECVKRKEIELVSDESFNEILQKQDMYETIGLTSVDREQQLAMIDTTLTLKIMNHISEKWPTIT
NNWLYHWAQYIKTIFNKAAALEHHHHHH
;
_entity_poly.pdbx_strand_id   B,A
#
# COMPACT_ATOMS: atom_id res chain seq x y z
N VAL A 119 19.59 23.16 26.42
CA VAL A 119 21.02 22.85 26.45
C VAL A 119 21.54 22.41 25.08
N ALA A 120 21.26 23.21 24.06
CA ALA A 120 21.42 22.81 22.66
C ALA A 120 22.86 22.66 22.22
N LEU A 121 23.30 21.41 22.07
CA LEU A 121 24.60 21.10 21.47
C LEU A 121 24.89 21.76 20.10
N PRO A 122 23.92 21.76 19.16
CA PRO A 122 24.29 22.23 17.82
C PRO A 122 24.50 23.74 17.74
N ASP A 123 25.61 24.14 17.13
CA ASP A 123 25.91 25.54 16.89
C ASP A 123 25.23 25.97 15.60
N ASN A 124 25.17 25.06 14.64
CA ASN A 124 24.51 25.32 13.36
C ASN A 124 22.99 25.13 13.47
N LEU A 125 22.48 25.28 14.69
CA LEU A 125 21.05 25.18 14.96
C LEU A 125 20.26 26.15 14.08
N SER A 126 20.85 27.32 13.82
CA SER A 126 20.25 28.30 12.92
C SER A 126 20.12 27.74 11.50
N GLU A 127 21.10 26.94 11.08
CA GLU A 127 21.09 26.35 9.75
C GLU A 127 19.98 25.30 9.62
N LEU A 128 19.66 24.63 10.72
CA LEU A 128 18.60 23.62 10.74
C LEU A 128 17.21 24.25 10.75
N GLN A 129 17.02 25.30 11.56
CA GLN A 129 15.76 26.03 11.56
C GLN A 129 15.45 26.56 10.18
N LYS A 130 16.49 26.88 9.42
CA LYS A 130 16.35 27.36 8.06
C LYS A 130 15.73 26.27 7.19
N ILE A 131 16.33 25.08 7.21
CA ILE A 131 15.92 24.01 6.30
C ILE A 131 14.52 23.44 6.63
N VAL A 132 14.08 23.56 7.88
CA VAL A 132 12.75 23.08 8.25
C VAL A 132 11.64 24.07 7.89
N MET A 133 11.86 25.34 8.21
CA MET A 133 10.86 26.37 7.92
C MET A 133 10.82 26.67 6.43
N SER A 134 11.90 26.33 5.73
CA SER A 134 11.93 26.40 4.27
C SER A 134 10.84 25.50 3.73
N ARG A 135 10.91 24.22 4.10
CA ARG A 135 9.95 23.23 3.65
C ARG A 135 8.53 23.55 4.09
N TYR A 136 8.36 23.94 5.34
CA TYR A 136 7.02 24.21 5.88
C TYR A 136 6.30 25.27 5.07
N ASN A 137 7.05 26.26 4.57
CA ASN A 137 6.46 27.32 3.79
C ASN A 137 6.33 26.97 2.31
N LEU A 138 6.77 25.77 1.95
CA LEU A 138 6.58 25.27 0.59
C LEU A 138 5.15 24.77 0.43
N GLY A 139 4.52 24.41 1.55
CA GLY A 139 3.16 23.91 1.55
C GLY A 139 3.00 22.60 0.82
N ILE A 140 1.98 22.52 -0.03
CA ILE A 140 1.74 21.33 -0.84
C ILE A 140 2.00 21.62 -2.31
N LEU A 141 3.00 20.95 -2.88
CA LEU A 141 3.31 21.10 -4.30
C LEU A 141 2.23 20.44 -5.17
N GLU A 142 2.57 20.15 -6.43
CA GLU A 142 1.62 19.51 -7.32
C GLU A 142 1.87 18.00 -7.37
N ASP A 143 3.04 17.61 -7.85
CA ASP A 143 3.43 16.21 -7.87
C ASP A 143 4.08 15.84 -6.55
N SER A 144 3.39 16.13 -5.45
CA SER A 144 3.93 15.85 -4.11
C SER A 144 3.05 14.89 -3.32
N LEU A 145 1.86 14.60 -3.85
CA LEU A 145 0.99 13.58 -3.27
C LEU A 145 1.13 12.27 -4.03
N SER A 146 2.27 12.09 -4.69
CA SER A 146 2.55 10.87 -5.42
C SER A 146 2.76 9.73 -4.44
N HIS A 147 2.60 8.51 -4.92
CA HIS A 147 2.79 7.34 -4.07
C HIS A 147 4.21 6.82 -4.20
N ARG A 148 4.85 6.56 -3.06
CA ARG A 148 6.18 6.01 -3.04
C ARG A 148 6.21 4.71 -2.23
N PRO A 149 6.04 3.58 -2.91
CA PRO A 149 5.97 2.24 -2.31
C PRO A 149 7.06 2.03 -1.28
N LEU A 150 6.70 1.55 -0.10
CA LEU A 150 7.68 1.36 0.96
C LEU A 150 8.69 0.30 0.58
N GLY A 151 8.20 -0.78 -0.02
CA GLY A 151 9.05 -1.91 -0.35
C GLY A 151 9.66 -2.49 0.90
N ASN A 152 10.91 -2.89 0.82
CA ASN A 152 11.59 -3.43 1.99
C ASN A 152 11.64 -2.42 3.13
N THR A 153 11.16 -2.82 4.29
CA THR A 153 11.01 -1.90 5.40
C THR A 153 11.63 -2.44 6.68
N LEU A 154 12.60 -1.72 7.23
CA LEU A 154 13.20 -2.10 8.51
C LEU A 154 12.52 -1.37 9.66
N LEU A 155 11.92 -2.13 10.56
CA LEU A 155 11.23 -1.56 11.71
C LEU A 155 12.02 -1.84 12.97
N THR A 156 12.28 -0.82 13.76
CA THR A 156 13.03 -1.01 14.99
C THR A 156 12.14 -1.37 16.18
N GLY A 157 11.15 -0.55 16.48
CA GLY A 157 10.36 -0.71 17.69
C GLY A 157 9.44 -1.92 17.78
N ALA A 158 9.74 -2.96 17.02
CA ALA A 158 8.85 -4.09 16.78
C ALA A 158 8.17 -4.70 18.01
N THR A 159 8.91 -4.87 19.10
CA THR A 159 8.36 -5.50 20.29
C THR A 159 7.66 -4.50 21.20
N GLY A 160 7.53 -3.26 20.73
CA GLY A 160 6.92 -2.20 21.51
C GLY A 160 5.40 -2.16 21.43
N PHE A 161 4.82 -1.01 21.74
CA PHE A 161 3.37 -0.85 21.66
C PHE A 161 2.96 -0.23 20.33
N LEU A 162 3.57 0.90 19.97
CA LEU A 162 3.34 1.45 18.65
C LEU A 162 3.98 0.53 17.63
N GLY A 163 5.01 -0.20 18.06
CA GLY A 163 5.64 -1.17 17.19
C GLY A 163 4.65 -2.20 16.70
N ALA A 164 3.94 -2.84 17.62
CA ALA A 164 3.04 -3.92 17.25
C ALA A 164 1.95 -3.43 16.31
N TYR A 165 1.50 -2.21 16.50
CA TYR A 165 0.38 -1.70 15.72
C TYR A 165 0.83 -1.16 14.38
N LEU A 166 2.12 -0.81 14.26
CA LEU A 166 2.69 -0.43 12.98
C LEU A 166 2.83 -1.67 12.10
N ILE A 167 3.35 -2.74 12.69
CA ILE A 167 3.52 -4.02 12.00
C ILE A 167 2.23 -4.47 11.31
N GLU A 168 1.10 -4.27 11.98
CA GLU A 168 -0.19 -4.63 11.43
C GLU A 168 -0.64 -3.61 10.39
N ALA A 169 -0.28 -2.34 10.61
CA ALA A 169 -0.70 -1.28 9.71
C ALA A 169 0.15 -1.20 8.45
N LEU A 170 1.17 -2.04 8.39
CA LEU A 170 2.06 -2.05 7.24
C LEU A 170 1.68 -3.18 6.30
N GLN A 171 0.87 -4.11 6.80
CA GLN A 171 0.48 -5.29 6.04
C GLN A 171 -0.18 -4.94 4.71
N GLY A 172 0.44 -5.37 3.62
CA GLY A 172 -0.07 -5.10 2.30
C GLY A 172 0.51 -3.82 1.72
N TYR A 173 1.34 -3.14 2.50
CA TYR A 173 1.95 -1.92 2.02
C TYR A 173 3.47 -2.06 1.97
N SER A 174 4.01 -2.89 2.86
CA SER A 174 5.42 -3.20 2.82
C SER A 174 5.60 -4.50 2.05
N HIS A 175 6.58 -4.55 1.16
CA HIS A 175 6.88 -5.78 0.44
C HIS A 175 7.31 -6.86 1.41
N ARG A 176 8.06 -6.44 2.41
CA ARG A 176 8.58 -7.33 3.43
C ARG A 176 8.85 -6.46 4.65
N ILE A 177 8.76 -7.03 5.84
CA ILE A 177 9.11 -6.29 7.05
C ILE A 177 10.24 -6.96 7.80
N TYR A 178 11.40 -6.32 7.83
CA TYR A 178 12.51 -6.80 8.65
C TYR A 178 12.48 -6.08 9.99
N CYS A 179 12.31 -6.82 11.07
CA CYS A 179 12.23 -6.22 12.40
C CYS A 179 13.56 -6.31 13.11
N PHE A 180 14.16 -5.17 13.43
CA PHE A 180 15.35 -5.19 14.28
C PHE A 180 14.88 -5.46 15.70
N ILE A 181 15.53 -6.41 16.37
CA ILE A 181 15.22 -6.74 17.74
C ILE A 181 16.52 -6.98 18.49
N ARG A 182 16.62 -6.43 19.70
CA ARG A 182 17.81 -6.63 20.52
C ARG A 182 17.66 -7.89 21.35
N ALA A 183 18.39 -8.94 21.00
CA ALA A 183 18.25 -10.22 21.71
C ALA A 183 19.48 -11.10 21.55
N ASP A 184 19.50 -12.20 22.31
CA ASP A 184 20.66 -13.10 22.36
C ASP A 184 20.89 -13.87 21.05
N ASN A 185 19.79 -14.25 20.39
CA ASN A 185 19.88 -15.07 19.19
C ASN A 185 18.59 -15.00 18.39
N GLU A 186 18.47 -15.81 17.35
CA GLU A 186 17.29 -15.77 16.51
C GLU A 186 16.06 -16.29 17.24
N GLU A 187 16.23 -17.40 17.97
CA GLU A 187 15.11 -18.04 18.66
C GLU A 187 14.43 -17.15 19.68
N ILE A 188 15.21 -16.35 20.42
CA ILE A 188 14.66 -15.51 21.48
C ILE A 188 14.12 -14.20 20.88
N ALA A 189 14.67 -13.80 19.74
CA ALA A 189 14.21 -12.60 19.06
C ALA A 189 12.79 -12.80 18.57
N TRP A 190 12.56 -13.93 17.91
CA TRP A 190 11.22 -14.29 17.46
C TRP A 190 10.25 -14.33 18.62
N TYR A 191 10.69 -14.93 19.72
CA TYR A 191 9.81 -15.15 20.86
C TYR A 191 9.24 -13.85 21.39
N LYS A 192 10.09 -12.83 21.50
CA LYS A 192 9.66 -11.53 21.97
C LYS A 192 8.64 -10.93 21.00
N LEU A 193 8.85 -11.16 19.71
CA LEU A 193 7.97 -10.59 18.69
C LEU A 193 6.62 -11.28 18.64
N MET A 194 6.61 -12.61 18.75
CA MET A 194 5.35 -13.37 18.73
C MET A 194 4.46 -13.03 19.91
N THR A 195 5.07 -13.07 21.10
CA THR A 195 4.36 -12.77 22.34
C THR A 195 3.70 -11.40 22.27
N ASN A 196 4.43 -10.43 21.75
CA ASN A 196 3.94 -9.07 21.64
C ASN A 196 2.69 -9.00 20.76
N LEU A 197 2.82 -9.46 19.52
CA LEU A 197 1.72 -9.45 18.56
C LEU A 197 0.54 -10.29 19.04
N ASN A 198 0.83 -11.39 19.73
CA ASN A 198 -0.22 -12.26 20.25
C ASN A 198 -1.07 -11.59 21.32
N ASP A 199 -0.51 -10.58 21.99
CA ASP A 199 -1.25 -9.83 23.00
C ASP A 199 -2.26 -8.86 22.40
N TYR A 200 -1.99 -8.39 21.18
CA TYR A 200 -2.84 -7.38 20.56
C TYR A 200 -3.68 -7.86 19.37
N PHE A 201 -3.42 -9.06 18.86
CA PHE A 201 -4.17 -9.54 17.70
C PHE A 201 -4.55 -11.00 17.81
N SER A 202 -5.41 -11.43 16.89
CA SER A 202 -5.86 -12.81 16.83
C SER A 202 -4.77 -13.72 16.30
N GLU A 203 -4.78 -14.98 16.71
CA GLU A 203 -3.85 -15.97 16.17
C GLU A 203 -4.03 -16.10 14.66
N GLU A 204 -5.25 -15.83 14.21
CA GLU A 204 -5.57 -15.84 12.79
C GLU A 204 -4.78 -14.75 12.09
N THR A 205 -4.77 -13.55 12.67
CA THR A 205 -4.08 -12.40 12.09
C THR A 205 -2.57 -12.54 12.16
N VAL A 206 -2.07 -12.85 13.34
CA VAL A 206 -0.63 -12.97 13.57
C VAL A 206 0.05 -13.97 12.62
N GLU A 207 -0.62 -15.08 12.36
CA GLU A 207 -0.09 -16.12 11.48
C GLU A 207 0.05 -15.64 10.04
N MET A 208 -0.75 -14.64 9.65
CA MET A 208 -0.75 -14.14 8.28
C MET A 208 0.19 -12.95 8.09
N MET A 209 0.59 -12.34 9.20
CA MET A 209 1.61 -11.30 9.15
C MET A 209 2.96 -11.99 9.03
N LEU A 210 2.97 -13.29 9.35
CA LEU A 210 4.20 -14.06 9.45
C LEU A 210 4.97 -14.24 8.16
N SER A 211 4.26 -14.22 7.04
CA SER A 211 4.91 -14.37 5.74
C SER A 211 5.90 -13.23 5.52
N ASN A 212 5.42 -12.00 5.65
CA ASN A 212 6.21 -10.82 5.31
C ASN A 212 7.05 -10.30 6.47
N ILE A 213 7.44 -11.18 7.40
CA ILE A 213 8.28 -10.73 8.51
C ILE A 213 9.57 -11.55 8.64
N GLU A 214 10.69 -10.84 8.78
CA GLU A 214 11.97 -11.48 9.02
C GLU A 214 12.64 -10.75 10.17
N VAL A 215 13.33 -11.49 11.04
CA VAL A 215 13.93 -10.90 12.22
C VAL A 215 15.43 -10.71 12.08
N ILE A 216 15.87 -9.48 12.28
CA ILE A 216 17.29 -9.17 12.36
C ILE A 216 17.65 -9.07 13.83
N VAL A 217 18.72 -9.72 14.26
CA VAL A 217 19.10 -9.67 15.67
C VAL A 217 20.30 -8.76 15.91
N GLY A 218 20.27 -8.01 17.00
CA GLY A 218 21.34 -7.09 17.33
C GLY A 218 21.80 -7.21 18.76
N ASP A 219 23.03 -6.77 19.03
CA ASP A 219 23.60 -6.83 20.36
C ASP A 219 23.21 -5.61 21.17
N PHE A 220 23.17 -5.76 22.50
CA PHE A 220 22.85 -4.65 23.38
C PHE A 220 23.97 -3.62 23.37
N GLU A 221 23.67 -2.43 22.84
CA GLU A 221 24.61 -1.31 22.74
C GLU A 221 25.76 -1.51 21.74
N CYS A 222 25.76 -2.64 21.03
CA CYS A 222 26.75 -2.91 19.99
C CYS A 222 26.06 -3.04 18.64
N MET A 223 25.85 -1.90 17.97
CA MET A 223 25.05 -1.86 16.76
C MET A 223 25.79 -2.26 15.49
N ASP A 224 26.87 -1.53 15.20
CA ASP A 224 27.55 -1.57 13.90
C ASP A 224 27.71 -2.95 13.25
N ASP A 225 27.88 -3.99 14.06
CA ASP A 225 28.20 -5.34 13.57
C ASP A 225 27.08 -6.00 12.75
N VAL A 226 26.23 -5.20 12.12
CA VAL A 226 25.03 -5.71 11.46
C VAL A 226 25.08 -5.71 9.92
N VAL A 227 24.67 -6.83 9.33
CA VAL A 227 24.59 -6.96 7.86
C VAL A 227 23.22 -7.44 7.42
N LEU A 228 22.45 -6.54 6.80
CA LEU A 228 21.10 -6.83 6.37
C LEU A 228 21.06 -7.66 5.09
N PRO A 229 20.22 -8.70 5.06
CA PRO A 229 20.11 -9.59 3.90
C PRO A 229 19.57 -8.94 2.62
N GLU A 230 19.21 -7.66 2.66
CA GLU A 230 18.76 -6.95 1.46
C GLU A 230 18.74 -5.44 1.62
N ASN A 231 18.67 -4.72 0.50
CA ASN A 231 18.67 -3.26 0.50
C ASN A 231 17.37 -2.72 1.03
N MET A 232 17.45 -1.93 2.10
CA MET A 232 16.27 -1.31 2.68
C MET A 232 15.85 -0.06 1.92
N ASP A 233 14.54 0.11 1.75
CA ASP A 233 14.02 1.22 1.00
C ASP A 233 13.27 2.15 1.93
N THR A 234 12.97 1.65 3.13
CA THR A 234 12.35 2.46 4.17
C THR A 234 12.73 1.99 5.56
N ILE A 235 13.20 2.90 6.40
CA ILE A 235 13.53 2.58 7.78
C ILE A 235 12.68 3.39 8.75
N ILE A 236 11.98 2.69 9.64
CA ILE A 236 11.09 3.35 10.61
C ILE A 236 11.63 3.16 12.01
N HIS A 237 11.86 4.26 12.71
CA HIS A 237 12.50 4.19 14.03
C HIS A 237 11.55 4.47 15.18
N ALA A 238 10.84 3.45 15.63
CA ALA A 238 9.83 3.60 16.68
C ALA A 238 10.40 3.42 18.09
N GLY A 239 11.22 2.38 18.26
CA GLY A 239 11.72 1.98 19.57
C GLY A 239 12.53 3.00 20.32
N ALA A 240 12.77 2.72 21.60
CA ALA A 240 13.58 3.58 22.47
C ALA A 240 14.00 2.81 23.70
N ARG A 241 15.30 2.54 23.81
CA ARG A 241 15.83 1.70 24.90
C ARG A 241 15.59 2.31 26.27
N GLU A 250 23.05 9.79 31.03
CA GLU A 250 23.53 8.41 31.03
C GLU A 250 22.55 7.49 30.31
N PHE A 251 21.33 7.98 30.10
CA PHE A 251 20.28 7.24 29.42
C PHE A 251 20.06 7.79 28.02
N GLU A 252 19.95 9.12 27.94
CA GLU A 252 19.77 9.81 26.68
C GLU A 252 20.98 9.62 25.78
N LYS A 253 22.14 9.40 26.39
CA LYS A 253 23.37 9.14 25.65
C LYS A 253 23.22 7.86 24.83
N VAL A 254 22.62 6.83 25.44
CA VAL A 254 22.44 5.54 24.80
C VAL A 254 21.45 5.60 23.64
N ASN A 255 20.32 6.27 23.86
CA ASN A 255 19.26 6.34 22.87
C ASN A 255 19.59 7.20 21.65
N VAL A 256 20.26 8.32 21.87
CA VAL A 256 20.66 9.18 20.76
C VAL A 256 21.79 8.53 19.96
N GLN A 257 22.63 7.76 20.65
CA GLN A 257 23.63 6.95 19.97
C GLN A 257 22.88 5.98 19.07
N GLY A 258 21.78 5.45 19.60
CA GLY A 258 20.92 4.57 18.84
C GLY A 258 20.36 5.21 17.59
N THR A 259 19.92 6.46 17.72
CA THR A 259 19.39 7.21 16.58
C THR A 259 20.48 7.47 15.54
N VAL A 260 21.71 7.68 16.00
CA VAL A 260 22.85 7.85 15.10
C VAL A 260 23.04 6.63 14.22
N ASP A 261 23.13 5.47 14.87
CA ASP A 261 23.41 4.22 14.20
C ASP A 261 22.36 3.89 13.15
N VAL A 262 21.12 4.28 13.43
CA VAL A 262 20.01 4.07 12.50
C VAL A 262 20.18 4.99 11.30
N ILE A 263 20.53 6.24 11.58
CA ILE A 263 20.79 7.23 10.54
C ILE A 263 21.88 6.73 9.61
N ARG A 264 22.86 6.04 10.17
CA ARG A 264 23.92 5.42 9.39
C ARG A 264 23.33 4.52 8.31
N LEU A 265 22.52 3.55 8.74
CA LEU A 265 21.86 2.64 7.82
C LEU A 265 21.06 3.37 6.77
N ALA A 266 20.35 4.40 7.17
CA ALA A 266 19.57 5.19 6.24
C ALA A 266 20.41 5.68 5.06
N GLN A 267 21.62 6.15 5.34
CA GLN A 267 22.46 6.75 4.29
C GLN A 267 23.33 5.76 3.52
N GLN A 268 23.80 4.71 4.17
CA GLN A 268 24.54 3.68 3.46
C GLN A 268 23.59 2.59 2.94
N HIS A 269 22.33 2.96 2.78
CA HIS A 269 21.33 2.12 2.12
C HIS A 269 20.54 2.98 1.15
N HIS A 270 20.73 4.30 1.27
CA HIS A 270 19.96 5.27 0.51
C HIS A 270 18.46 5.04 0.72
N ALA A 271 18.07 5.01 2.00
CA ALA A 271 16.70 4.74 2.38
C ALA A 271 15.94 6.00 2.76
N ARG A 272 14.66 5.83 3.10
CA ARG A 272 13.87 6.91 3.66
C ARG A 272 13.70 6.66 5.14
N LEU A 273 14.12 7.61 5.97
CA LEU A 273 14.05 7.42 7.41
C LEU A 273 12.91 8.20 8.02
N ILE A 274 12.01 7.48 8.69
CA ILE A 274 10.95 8.09 9.47
C ILE A 274 11.27 7.93 10.95
N TYR A 275 11.72 9.00 11.59
CA TYR A 275 11.92 8.98 13.03
C TYR A 275 10.59 9.28 13.70
N VAL A 276 10.24 8.49 14.72
CA VAL A 276 9.01 8.71 15.45
C VAL A 276 9.33 9.35 16.80
N SER A 277 9.06 10.65 16.91
CA SER A 277 9.35 11.39 18.12
C SER A 277 8.05 11.75 18.81
N THR A 278 8.13 12.35 20.00
CA THR A 278 6.93 12.82 20.70
C THR A 278 6.67 14.31 20.47
N ILE A 279 5.52 14.76 20.94
CA ILE A 279 5.16 16.16 20.88
C ILE A 279 5.56 16.76 22.20
N SER A 280 6.08 15.92 23.09
CA SER A 280 6.58 16.35 24.40
C SER A 280 7.74 17.33 24.25
N VAL A 281 8.52 17.17 23.18
CA VAL A 281 9.51 18.17 22.84
C VAL A 281 8.75 19.44 22.43
N GLY A 282 8.85 20.47 23.24
CA GLY A 282 8.12 21.69 22.97
C GLY A 282 6.63 21.64 23.27
N THR A 283 6.28 21.06 24.41
CA THR A 283 4.88 21.07 24.84
C THR A 283 4.73 21.98 26.06
N TYR A 284 5.83 22.15 26.78
CA TYR A 284 5.85 23.02 27.94
C TYR A 284 6.82 24.18 27.68
N PHE A 285 6.55 25.32 28.32
CA PHE A 285 7.35 26.51 28.16
C PHE A 285 7.62 27.14 29.52
N ASP A 286 8.52 28.12 29.56
CA ASP A 286 8.73 28.90 30.77
C ASP A 286 7.59 29.91 30.89
N ILE A 287 7.04 30.06 32.09
CA ILE A 287 5.84 30.88 32.31
C ILE A 287 5.99 32.32 31.82
N ASP A 288 7.20 32.85 31.89
CA ASP A 288 7.44 34.25 31.53
C ASP A 288 7.52 34.49 30.03
N THR A 289 7.74 33.41 29.26
CA THR A 289 7.93 33.53 27.81
C THR A 289 6.68 34.04 27.08
N GLU A 290 6.91 34.78 25.99
CA GLU A 290 5.84 35.51 25.31
C GLU A 290 5.16 34.72 24.19
N ASP A 291 5.93 33.85 23.53
CA ASP A 291 5.46 33.14 22.34
C ASP A 291 5.23 31.65 22.62
N VAL A 292 3.97 31.24 22.68
CA VAL A 292 3.65 29.85 23.01
C VAL A 292 3.09 29.04 21.85
N THR A 293 3.25 29.54 20.63
CA THR A 293 2.87 28.77 19.45
C THR A 293 3.99 27.81 19.08
N PHE A 294 3.68 26.52 19.05
CA PHE A 294 4.65 25.50 18.68
C PHE A 294 4.09 24.63 17.56
N SER A 295 4.65 24.80 16.37
CA SER A 295 4.09 24.17 15.19
C SER A 295 5.00 23.10 14.59
N GLU A 296 4.64 22.65 13.39
CA GLU A 296 5.36 21.61 12.68
C GLU A 296 6.50 22.22 11.89
N ALA A 297 6.85 23.46 12.22
CA ALA A 297 7.94 24.16 11.57
C ALA A 297 9.01 24.53 12.59
N ASP A 298 8.71 24.28 13.86
CA ASP A 298 9.54 24.74 14.96
C ASP A 298 10.39 23.62 15.56
N VAL A 299 11.71 23.78 15.49
CA VAL A 299 12.62 22.82 16.10
C VAL A 299 12.89 23.21 17.54
N TYR A 300 13.47 24.39 17.72
CA TYR A 300 13.76 24.91 19.05
C TYR A 300 13.20 26.30 19.25
N LYS A 301 12.72 26.57 20.46
CA LYS A 301 12.32 27.90 20.85
C LYS A 301 12.76 28.08 22.30
N GLY A 302 11.80 28.17 23.22
CA GLY A 302 12.13 28.28 24.63
C GLY A 302 11.44 27.19 25.42
N GLN A 303 11.48 25.97 24.88
CA GLN A 303 10.76 24.85 25.47
C GLN A 303 11.52 24.21 26.61
N LEU A 304 10.77 23.70 27.58
CA LEU A 304 11.35 22.96 28.68
C LEU A 304 11.47 21.47 28.35
N LEU A 305 12.68 20.94 28.54
CA LEU A 305 12.94 19.54 28.33
C LEU A 305 13.36 18.95 29.67
N THR A 306 12.38 18.54 30.46
CA THR A 306 12.61 18.15 31.85
C THR A 306 13.16 16.73 32.01
N SER A 307 12.34 15.74 31.63
CA SER A 307 12.70 14.34 31.79
C SER A 307 13.86 13.94 30.89
N PRO A 308 14.53 12.82 31.21
CA PRO A 308 15.59 12.36 30.32
C PRO A 308 15.03 11.84 29.00
N TYR A 309 13.82 11.27 29.04
CA TYR A 309 13.19 10.74 27.85
C TYR A 309 12.90 11.82 26.82
N THR A 310 12.33 12.94 27.26
CA THR A 310 11.98 14.02 26.35
C THR A 310 13.21 14.75 25.85
N ARG A 311 14.27 14.80 26.67
CA ARG A 311 15.54 15.37 26.24
C ARG A 311 16.12 14.52 25.12
N SER A 312 16.09 13.20 25.32
CA SER A 312 16.61 12.24 24.37
C SER A 312 15.93 12.40 23.02
N LYS A 313 14.60 12.36 23.02
CA LYS A 313 13.81 12.49 21.81
C LYS A 313 14.15 13.77 21.04
N PHE A 314 14.45 14.83 21.78
CA PHE A 314 14.83 16.09 21.16
C PHE A 314 16.22 16.03 20.54
N TYR A 315 17.19 15.54 21.31
CA TYR A 315 18.55 15.40 20.81
C TYR A 315 18.57 14.53 19.56
N SER A 316 17.69 13.53 19.53
CA SER A 316 17.56 12.68 18.35
C SER A 316 17.09 13.48 17.14
N GLU A 317 16.01 14.23 17.31
CA GLU A 317 15.45 15.06 16.24
C GLU A 317 16.53 15.94 15.60
N LEU A 318 17.50 16.37 16.40
CA LEU A 318 18.60 17.17 15.90
C LEU A 318 19.48 16.34 14.98
N LYS A 319 19.91 15.17 15.46
CA LYS A 319 20.77 14.28 14.69
C LYS A 319 20.17 13.99 13.32
N VAL A 320 18.89 13.62 13.31
CA VAL A 320 18.18 13.36 12.07
C VAL A 320 18.13 14.60 11.18
N LEU A 321 17.88 15.76 11.78
CA LEU A 321 17.82 17.00 11.03
C LEU A 321 19.14 17.38 10.35
N GLU A 322 20.26 17.15 11.03
CA GLU A 322 21.56 17.43 10.44
C GLU A 322 21.82 16.46 9.30
N ALA A 323 21.47 15.20 9.51
CA ALA A 323 21.65 14.18 8.49
C ALA A 323 20.80 14.45 7.26
N VAL A 324 19.69 15.16 7.45
CA VAL A 324 18.85 15.57 6.32
C VAL A 324 19.54 16.70 5.58
N ASN A 325 20.02 17.68 6.33
CA ASN A 325 20.74 18.83 5.78
C ASN A 325 21.88 18.41 4.84
N ASN A 326 22.40 17.20 5.06
CA ASN A 326 23.43 16.64 4.20
C ASN A 326 22.86 15.67 3.16
N GLY A 327 21.58 15.84 2.84
CA GLY A 327 20.99 15.16 1.69
C GLY A 327 20.00 14.03 1.92
N LEU A 328 20.00 13.44 3.12
CA LEU A 328 19.14 12.30 3.42
C LEU A 328 17.66 12.63 3.34
N ASP A 329 16.87 11.71 2.78
CA ASP A 329 15.43 11.86 2.77
C ASP A 329 14.89 11.38 4.10
N GLY A 330 14.85 12.27 5.08
CA GLY A 330 14.30 11.93 6.37
C GLY A 330 13.02 12.69 6.63
N ARG A 331 12.26 12.22 7.61
CA ARG A 331 11.15 12.98 8.13
C ARG A 331 10.84 12.52 9.54
N ILE A 332 10.33 13.45 10.34
CA ILE A 332 10.03 13.16 11.73
C ILE A 332 8.52 13.28 11.94
N VAL A 333 7.95 12.29 12.61
CA VAL A 333 6.54 12.35 12.94
C VAL A 333 6.40 12.43 14.46
N ARG A 334 5.78 13.49 14.94
CA ARG A 334 5.53 13.66 16.36
C ARG A 334 4.15 13.12 16.74
N VAL A 335 4.13 12.21 17.71
CA VAL A 335 2.90 11.53 18.09
C VAL A 335 2.48 11.90 19.51
N GLY A 336 1.17 11.92 19.74
CA GLY A 336 0.62 12.39 21.00
C GLY A 336 0.68 11.38 22.13
N ASN A 337 -0.36 11.38 22.97
CA ASN A 337 -0.46 10.42 24.07
C ASN A 337 -1.12 9.14 23.61
N LEU A 338 -0.33 8.08 23.42
CA LEU A 338 -0.84 6.85 22.85
C LEU A 338 -1.74 6.09 23.83
N THR A 339 -3.02 5.99 23.48
CA THR A 339 -3.98 5.26 24.29
C THR A 339 -4.39 3.99 23.55
N SER A 340 -5.24 3.18 24.17
CA SER A 340 -5.76 1.97 23.54
C SER A 340 -6.37 2.28 22.17
N PRO A 341 -6.47 1.26 21.30
CA PRO A 341 -6.96 1.52 19.95
C PRO A 341 -8.42 1.87 19.93
N TYR A 342 -8.87 2.58 18.90
CA TYR A 342 -10.29 2.87 18.74
C TYR A 342 -11.04 1.57 18.48
N ASN A 343 -10.57 0.84 17.47
CA ASN A 343 -11.13 -0.46 17.16
C ASN A 343 -10.09 -1.54 17.43
N GLY A 344 -10.34 -2.36 18.45
CA GLY A 344 -9.44 -3.45 18.78
C GLY A 344 -9.38 -3.77 20.25
N ARG A 345 -8.42 -4.62 20.63
CA ARG A 345 -8.25 -4.99 22.04
C ARG A 345 -7.79 -3.82 22.90
N TRP A 346 -8.46 -3.62 24.03
CA TRP A 346 -8.12 -2.56 24.97
C TRP A 346 -6.74 -2.74 25.57
N HIS A 347 -6.30 -3.99 25.65
CA HIS A 347 -5.06 -4.31 26.34
C HIS A 347 -3.85 -3.54 25.85
N MET A 348 -3.08 -3.01 26.80
CA MET A 348 -1.85 -2.29 26.49
C MET A 348 -0.73 -2.74 27.42
N ARG A 349 0.17 -3.57 26.92
CA ARG A 349 1.22 -4.15 27.73
C ARG A 349 1.96 -3.06 28.50
N ASN A 350 2.19 -3.32 29.78
CA ASN A 350 2.78 -2.33 30.69
C ASN A 350 1.99 -1.02 30.73
N ILE A 351 0.68 -1.15 30.95
CA ILE A 351 -0.20 -0.01 31.11
C ILE A 351 -0.12 0.43 32.56
N LYS A 352 0.27 -0.50 33.43
CA LYS A 352 0.45 -0.20 34.85
C LYS A 352 1.51 0.87 35.07
N THR A 353 2.49 0.94 34.17
CA THR A 353 3.56 1.92 34.29
C THR A 353 3.28 3.18 33.46
N ASN A 354 2.26 3.12 32.62
CA ASN A 354 1.90 4.25 31.78
C ASN A 354 1.49 5.47 32.60
N ARG A 355 2.09 6.61 32.30
CA ARG A 355 1.87 7.82 33.10
C ARG A 355 0.42 8.28 33.08
N PHE A 356 -0.12 8.46 31.89
CA PHE A 356 -1.49 8.96 31.70
C PHE A 356 -2.56 8.11 32.38
N SER A 357 -2.44 6.79 32.26
CA SER A 357 -3.43 5.88 32.81
C SER A 357 -3.39 5.85 34.34
N MET A 358 -2.18 5.92 34.89
CA MET A 358 -1.99 5.87 36.34
C MET A 358 -2.70 7.03 37.02
N VAL A 359 -2.70 8.18 36.36
CA VAL A 359 -3.32 9.39 36.90
C VAL A 359 -4.83 9.36 36.70
N MET A 360 -5.26 8.96 35.51
CA MET A 360 -6.68 8.98 35.17
C MET A 360 -7.53 8.11 36.08
N ASN A 361 -6.95 7.03 36.57
CA ASN A 361 -7.68 6.12 37.46
C ASN A 361 -7.76 6.64 38.88
N ASP A 362 -6.90 7.60 39.20
CA ASP A 362 -6.95 8.27 40.50
C ASP A 362 -8.07 9.29 40.53
N LEU A 363 -8.06 10.20 39.55
CA LEU A 363 -9.09 11.22 39.41
C LEU A 363 -10.47 10.62 39.26
N LEU A 364 -10.52 9.36 38.81
CA LEU A 364 -11.78 8.68 38.56
C LEU A 364 -12.40 8.10 39.84
N GLN A 365 -11.65 8.13 40.93
CA GLN A 365 -12.16 7.74 42.25
C GLN A 365 -12.51 8.97 43.07
N LEU A 366 -12.39 10.13 42.44
CA LEU A 366 -12.67 11.41 43.09
C LEU A 366 -13.94 12.04 42.52
N ASP A 367 -14.41 13.10 43.19
CA ASP A 367 -15.46 13.94 42.62
C ASP A 367 -15.13 15.41 42.87
N CYS A 368 -13.84 15.68 42.97
CA CYS A 368 -13.32 17.05 42.97
C CYS A 368 -12.20 17.17 41.94
N ILE A 369 -11.89 18.40 41.54
CA ILE A 369 -10.69 18.67 40.77
C ILE A 369 -10.21 20.08 41.06
N GLY A 370 -8.89 20.25 41.12
CA GLY A 370 -8.31 21.58 41.28
C GLY A 370 -8.62 22.40 40.06
N VAL A 371 -8.74 23.71 40.22
CA VAL A 371 -9.05 24.59 39.10
C VAL A 371 -7.94 24.55 38.05
N SER A 372 -6.75 24.15 38.47
CA SER A 372 -5.64 23.95 37.54
C SER A 372 -5.85 22.71 36.67
N MET A 373 -6.21 21.60 37.32
CA MET A 373 -6.43 20.32 36.63
C MET A 373 -7.55 20.37 35.60
N ALA A 374 -8.71 20.87 36.02
CA ALA A 374 -9.91 20.91 35.20
C ALA A 374 -9.69 21.58 33.84
N GLU A 375 -8.66 22.41 33.73
CA GLU A 375 -8.37 23.12 32.50
C GLU A 375 -7.38 22.36 31.63
N MET A 376 -6.45 21.67 32.31
CA MET A 376 -5.39 20.88 31.64
C MET A 376 -5.97 19.90 30.63
N PRO A 377 -5.55 20.02 29.36
CA PRO A 377 -6.10 19.21 28.26
C PRO A 377 -5.68 17.75 28.26
N VAL A 378 -6.40 16.96 27.47
CA VAL A 378 -6.14 15.53 27.32
C VAL A 378 -6.46 15.14 25.88
N ASP A 379 -5.49 14.55 25.19
CA ASP A 379 -5.79 14.02 23.86
C ASP A 379 -5.86 12.49 23.90
N PHE A 380 -6.83 11.94 23.18
CA PHE A 380 -6.94 10.50 23.05
C PHE A 380 -6.50 10.06 21.66
N SER A 381 -5.19 10.07 21.41
CA SER A 381 -4.66 9.60 20.14
C SER A 381 -4.53 8.08 20.20
N PHE A 382 -5.48 7.41 19.58
CA PHE A 382 -5.51 5.95 19.54
C PHE A 382 -4.31 5.40 18.80
N VAL A 383 -3.75 4.30 19.29
CA VAL A 383 -2.52 3.76 18.72
C VAL A 383 -2.73 3.20 17.31
N ASP A 384 -3.86 2.55 17.09
CA ASP A 384 -4.14 1.97 15.78
C ASP A 384 -4.31 3.07 14.75
N THR A 385 -4.85 4.20 15.17
CA THR A 385 -5.05 5.34 14.27
C THR A 385 -3.76 6.14 14.12
N THR A 386 -3.02 6.31 15.21
CA THR A 386 -1.71 6.95 15.16
C THR A 386 -0.84 6.24 14.13
N ALA A 387 -0.95 4.92 14.08
CA ALA A 387 -0.12 4.13 13.19
C ALA A 387 -0.64 4.10 11.76
N ARG A 388 -1.95 4.24 11.58
CA ARG A 388 -2.51 4.29 10.23
C ARG A 388 -1.91 5.48 9.51
N GLN A 389 -1.91 6.61 10.20
CA GLN A 389 -1.51 7.87 9.60
C GLN A 389 -0.01 7.89 9.31
N ILE A 390 0.78 7.29 10.19
CA ILE A 390 2.23 7.19 10.01
C ILE A 390 2.58 6.41 8.74
N VAL A 391 1.92 5.28 8.54
CA VAL A 391 2.10 4.48 7.33
C VAL A 391 1.64 5.25 6.09
N ALA A 392 0.52 5.95 6.20
CA ALA A 392 -0.02 6.71 5.09
C ALA A 392 0.84 7.93 4.77
N LEU A 393 1.75 8.26 5.67
CA LEU A 393 2.62 9.41 5.50
C LEU A 393 3.98 9.06 4.90
N ALA A 394 4.42 7.82 5.12
CA ALA A 394 5.72 7.38 4.63
C ALA A 394 5.64 6.95 3.17
N GLN A 395 4.44 7.10 2.59
CA GLN A 395 4.21 6.73 1.20
C GLN A 395 3.97 7.96 0.34
N VAL A 396 3.77 9.09 0.99
CA VAL A 396 3.54 10.33 0.27
C VAL A 396 4.87 11.06 0.03
N ASN A 397 4.89 11.96 -0.96
CA ASN A 397 6.12 12.61 -1.39
C ASN A 397 6.25 14.07 -0.93
N THR A 398 5.47 14.44 0.08
CA THR A 398 5.43 15.82 0.59
C THR A 398 6.82 16.35 0.94
N PRO A 399 7.04 17.67 0.75
CA PRO A 399 8.33 18.32 0.96
C PRO A 399 8.78 18.46 2.41
N GLN A 400 7.84 18.68 3.32
CA GLN A 400 8.17 18.96 4.72
C GLN A 400 8.96 17.85 5.40
N ILE A 401 9.49 18.17 6.57
CA ILE A 401 10.36 17.26 7.31
C ILE A 401 9.75 16.85 8.66
N ILE A 402 9.05 17.77 9.31
CA ILE A 402 8.37 17.44 10.55
C ILE A 402 6.87 17.32 10.30
N TYR A 403 6.26 16.29 10.88
CA TYR A 403 4.81 16.10 10.78
C TYR A 403 4.22 15.88 12.17
N HIS A 404 2.97 16.32 12.37
CA HIS A 404 2.30 16.17 13.65
C HIS A 404 1.10 15.23 13.56
N VAL A 405 1.23 14.05 14.15
CA VAL A 405 0.16 13.07 14.10
C VAL A 405 -0.39 12.76 15.49
N LEU A 406 -1.40 13.52 15.90
CA LEU A 406 -2.06 13.31 17.18
C LEU A 406 -3.53 13.68 17.06
N SER A 407 -4.35 13.16 17.98
CA SER A 407 -5.78 13.42 17.98
C SER A 407 -6.02 14.92 18.09
N PRO A 408 -6.69 15.49 17.10
CA PRO A 408 -6.99 16.93 17.11
C PRO A 408 -8.14 17.26 18.06
N ASN A 409 -8.96 16.27 18.37
CA ASN A 409 -10.03 16.45 19.34
C ASN A 409 -9.53 16.32 20.77
N LYS A 410 -9.00 17.41 21.33
CA LYS A 410 -8.58 17.44 22.72
C LYS A 410 -9.74 17.91 23.60
N MET A 411 -9.63 17.65 24.90
CA MET A 411 -10.67 18.07 25.84
C MET A 411 -10.12 18.19 27.25
N PRO A 412 -10.53 19.22 27.98
CA PRO A 412 -10.13 19.44 29.37
C PRO A 412 -10.48 18.26 30.27
N VAL A 413 -9.62 17.94 31.23
CA VAL A 413 -9.83 16.83 32.17
C VAL A 413 -11.22 16.86 32.81
N LYS A 414 -11.70 18.07 33.12
CA LYS A 414 -13.00 18.22 33.72
C LYS A 414 -14.09 17.66 32.82
N SER A 415 -14.15 18.16 31.59
CA SER A 415 -15.18 17.75 30.63
C SER A 415 -15.05 16.28 30.22
N LEU A 416 -13.99 15.62 30.69
CA LEU A 416 -13.84 14.19 30.48
C LEU A 416 -14.40 13.42 31.66
N LEU A 417 -14.04 13.82 32.87
CA LEU A 417 -14.53 13.16 34.08
C LEU A 417 -16.04 13.30 34.19
N GLU A 418 -16.58 14.36 33.63
CA GLU A 418 -18.02 14.55 33.55
C GLU A 418 -18.59 13.71 32.41
N CYS A 419 -17.81 13.54 31.36
CA CYS A 419 -18.24 12.76 30.21
C CYS A 419 -18.22 11.26 30.56
N VAL A 420 -17.62 10.93 31.68
CA VAL A 420 -17.50 9.54 32.13
C VAL A 420 -18.50 9.21 33.23
N LYS A 421 -18.73 10.14 34.14
CA LYS A 421 -19.65 9.90 35.26
C LYS A 421 -21.07 10.46 34.97
N ARG A 422 -21.21 11.11 33.82
CA ARG A 422 -22.45 11.80 33.45
C ARG A 422 -22.99 12.63 34.60
N LYS A 423 -22.11 13.36 35.27
CA LYS A 423 -22.49 14.28 36.32
C LYS A 423 -21.45 15.37 36.40
N GLU A 424 -21.78 16.47 37.07
CA GLU A 424 -20.83 17.56 37.22
C GLU A 424 -19.92 17.31 38.41
N ILE A 425 -18.69 17.79 38.30
CA ILE A 425 -17.71 17.65 39.35
C ILE A 425 -17.46 19.04 39.93
N GLU A 426 -17.46 19.15 41.25
CA GLU A 426 -17.23 20.45 41.87
C GLU A 426 -15.76 20.79 41.91
N LEU A 427 -15.43 22.01 41.49
CA LEU A 427 -14.04 22.47 41.49
C LEU A 427 -13.66 23.00 42.86
N VAL A 428 -12.44 22.69 43.29
CA VAL A 428 -11.90 23.23 44.51
C VAL A 428 -10.59 23.94 44.19
N SER A 429 -10.03 24.64 45.16
CA SER A 429 -8.74 25.29 44.96
C SER A 429 -7.65 24.25 44.92
N ASP A 430 -6.56 24.56 44.24
CA ASP A 430 -5.42 23.63 44.15
C ASP A 430 -4.91 23.31 45.55
N GLU A 431 -5.01 24.30 46.44
CA GLU A 431 -4.56 24.17 47.81
C GLU A 431 -5.28 23.04 48.54
N SER A 432 -6.60 23.14 48.64
CA SER A 432 -7.38 22.12 49.32
C SER A 432 -7.38 20.80 48.56
N PHE A 433 -7.21 20.89 47.23
CA PHE A 433 -7.14 19.71 46.39
C PHE A 433 -5.93 18.86 46.77
N ASN A 434 -4.85 19.54 47.14
CA ASN A 434 -3.64 18.89 47.62
C ASN A 434 -3.92 18.00 48.82
N GLU A 435 -4.73 18.52 49.75
CA GLU A 435 -5.02 17.80 50.99
C GLU A 435 -5.96 16.61 50.76
N ILE A 436 -6.84 16.73 49.77
CA ILE A 436 -7.76 15.65 49.44
C ILE A 436 -6.95 14.47 48.92
N LEU A 437 -5.91 14.76 48.16
CA LEU A 437 -5.03 13.72 47.63
C LEU A 437 -4.18 13.11 48.74
N GLN A 438 -3.54 13.96 49.54
CA GLN A 438 -2.67 13.52 50.63
C GLN A 438 -3.41 12.63 51.63
N LYS A 439 -4.72 12.75 51.69
CA LYS A 439 -5.53 11.92 52.57
C LYS A 439 -5.82 10.55 51.95
N GLN A 440 -5.53 10.38 50.67
CA GLN A 440 -5.81 9.13 49.97
C GLN A 440 -4.64 8.65 49.12
N ASP A 441 -3.42 8.84 49.62
CA ASP A 441 -2.21 8.50 48.89
C ASP A 441 -2.16 9.20 47.53
N MET A 442 -2.03 8.40 46.47
CA MET A 442 -1.92 8.93 45.11
C MET A 442 -0.74 9.89 44.98
N TYR A 443 0.41 9.49 45.50
CA TYR A 443 1.60 10.34 45.49
C TYR A 443 2.05 10.66 44.07
N GLU A 444 1.84 9.71 43.16
CA GLU A 444 2.27 9.85 41.77
C GLU A 444 1.56 10.99 41.05
N THR A 445 0.24 11.07 41.20
CA THR A 445 -0.51 12.16 40.59
C THR A 445 -0.45 13.42 41.45
N ILE A 446 -0.16 13.23 42.74
CA ILE A 446 0.09 14.36 43.62
C ILE A 446 1.37 15.05 43.16
N GLY A 447 2.28 14.26 42.60
CA GLY A 447 3.54 14.78 42.09
C GLY A 447 3.52 15.14 40.62
N LEU A 448 3.02 14.23 39.79
CA LEU A 448 3.01 14.41 38.34
C LEU A 448 2.13 15.57 37.88
N THR A 449 1.15 15.94 38.71
CA THR A 449 0.17 16.97 38.32
C THR A 449 0.41 18.34 38.97
N SER A 450 0.81 18.35 40.24
CA SER A 450 1.02 19.59 40.97
C SER A 450 2.18 20.41 40.39
N VAL A 451 3.24 19.71 39.99
CA VAL A 451 4.41 20.37 39.43
C VAL A 451 4.26 20.58 37.92
N ASP A 452 3.23 19.95 37.34
CA ASP A 452 2.93 20.14 35.92
C ASP A 452 2.22 21.45 35.70
N ARG A 453 1.54 21.94 36.74
CA ARG A 453 0.85 23.22 36.69
C ARG A 453 1.81 24.36 37.02
N GLU A 454 3.08 24.01 37.26
CA GLU A 454 4.08 24.98 37.72
C GLU A 454 4.63 25.87 36.59
N GLN A 455 4.39 25.48 35.35
CA GLN A 455 4.86 26.26 34.20
C GLN A 455 3.81 26.36 33.08
N GLN A 456 4.08 27.22 32.10
CA GLN A 456 3.10 27.49 31.03
C GLN A 456 2.94 26.29 30.10
N LEU A 457 1.88 26.32 29.30
CA LEU A 457 1.56 25.21 28.40
C LEU A 457 1.40 25.67 26.96
N ALA A 458 2.08 24.98 26.04
CA ALA A 458 2.14 25.39 24.65
C ALA A 458 0.80 25.33 23.93
N MET A 459 0.74 25.95 22.75
CA MET A 459 -0.44 25.89 21.90
C MET A 459 -0.14 25.11 20.62
N ILE A 460 -0.14 23.78 20.75
CA ILE A 460 0.23 22.89 19.65
C ILE A 460 -0.64 23.08 18.41
N ASP A 461 0.01 23.33 17.27
CA ASP A 461 -0.68 23.44 15.99
C ASP A 461 -0.50 22.17 15.15
N THR A 462 -1.55 21.76 14.46
CA THR A 462 -1.49 20.55 13.63
C THR A 462 -2.10 20.77 12.26
N THR A 463 -2.25 22.04 11.87
CA THR A 463 -3.01 22.40 10.66
C THR A 463 -2.51 21.80 9.35
N LEU A 464 -1.21 21.94 9.08
CA LEU A 464 -0.65 21.48 7.80
C LEU A 464 -0.74 19.95 7.63
N THR A 465 -0.41 19.20 8.68
CA THR A 465 -0.49 17.76 8.62
C THR A 465 -1.93 17.31 8.40
N LEU A 466 -2.85 17.95 9.12
CA LEU A 466 -4.26 17.64 8.98
C LEU A 466 -4.79 18.08 7.62
N LYS A 467 -4.10 19.01 6.98
CA LYS A 467 -4.44 19.40 5.63
C LYS A 467 -4.12 18.27 4.67
N ILE A 468 -2.98 17.62 4.88
CA ILE A 468 -2.59 16.45 4.11
C ILE A 468 -3.51 15.27 4.41
N MET A 469 -3.65 14.94 5.69
CA MET A 469 -4.42 13.79 6.15
C MET A 469 -5.78 13.64 5.48
N ASN A 470 -6.43 14.76 5.21
CA ASN A 470 -7.77 14.72 4.65
C ASN A 470 -7.78 14.64 3.14
N HIS A 471 -6.60 14.54 2.54
CA HIS A 471 -6.48 14.24 1.13
C HIS A 471 -6.26 12.75 0.92
N ILE A 472 -5.32 12.20 1.67
CA ILE A 472 -4.81 10.86 1.40
C ILE A 472 -5.15 9.79 2.43
N SER A 473 -6.03 10.10 3.39
CA SER A 473 -6.35 9.12 4.42
C SER A 473 -7.67 9.40 5.11
N GLU A 474 -8.06 8.49 6.01
CA GLU A 474 -9.27 8.66 6.80
C GLU A 474 -9.07 9.72 7.89
N LYS A 475 -10.13 10.45 8.19
CA LYS A 475 -10.10 11.44 9.26
C LYS A 475 -10.02 10.74 10.61
N TRP A 476 -9.77 11.50 11.67
CA TRP A 476 -9.68 10.94 13.00
C TRP A 476 -11.04 10.53 13.52
N PRO A 477 -11.15 9.29 14.03
CA PRO A 477 -12.40 8.78 14.58
C PRO A 477 -12.91 9.65 15.72
N THR A 478 -14.18 10.06 15.62
CA THR A 478 -14.79 10.86 16.68
C THR A 478 -14.99 10.00 17.92
N ILE A 479 -14.39 10.45 19.01
CA ILE A 479 -14.47 9.73 20.27
C ILE A 479 -15.89 9.67 20.79
N THR A 480 -16.46 8.46 20.83
CA THR A 480 -17.83 8.27 21.29
C THR A 480 -17.88 8.23 22.82
N ASN A 481 -19.07 8.40 23.38
CA ASN A 481 -19.22 8.34 24.83
C ASN A 481 -19.17 6.91 25.32
N ASN A 482 -19.66 6.00 24.47
CA ASN A 482 -19.65 4.56 24.75
C ASN A 482 -18.23 4.06 24.95
N TRP A 483 -17.32 4.58 24.13
CA TRP A 483 -15.91 4.26 24.20
C TRP A 483 -15.34 4.68 25.56
N LEU A 484 -15.56 5.95 25.90
CA LEU A 484 -15.01 6.51 27.13
C LEU A 484 -15.40 5.72 28.36
N TYR A 485 -16.66 5.30 28.43
CA TYR A 485 -17.13 4.53 29.58
C TYR A 485 -16.39 3.21 29.69
N HIS A 486 -16.24 2.52 28.55
CA HIS A 486 -15.54 1.25 28.54
C HIS A 486 -14.09 1.45 28.87
N TRP A 487 -13.51 2.55 28.37
CA TRP A 487 -12.13 2.84 28.69
C TRP A 487 -11.94 3.03 30.18
N ALA A 488 -12.81 3.86 30.77
CA ALA A 488 -12.79 4.09 32.21
C ALA A 488 -12.95 2.78 32.96
N GLN A 489 -13.87 1.95 32.49
CA GLN A 489 -14.09 0.63 33.08
C GLN A 489 -12.80 -0.19 33.07
N TYR A 490 -12.15 -0.23 31.91
CA TYR A 490 -10.93 -1.00 31.75
C TYR A 490 -9.83 -0.49 32.69
N ILE A 491 -9.59 0.81 32.65
CA ILE A 491 -8.58 1.43 33.49
C ILE A 491 -8.79 1.06 34.96
N LYS A 492 -10.05 1.11 35.39
CA LYS A 492 -10.38 0.79 36.78
C LYS A 492 -10.02 -0.65 37.15
N THR A 493 -10.42 -1.60 36.32
CA THR A 493 -10.24 -3.02 36.66
C THR A 493 -8.79 -3.43 36.86
N ILE A 494 -7.88 -2.83 36.10
CA ILE A 494 -6.49 -3.28 36.11
C ILE A 494 -5.66 -2.72 37.29
N PHE A 495 -6.14 -1.65 37.91
CA PHE A 495 -5.46 -1.13 39.09
C PHE A 495 -6.01 -1.75 40.37
N ASN A 496 -7.25 -2.22 40.31
CA ASN A 496 -7.88 -2.91 41.43
C ASN A 496 -8.48 -4.26 41.01
N VAL B 119 -0.80 12.99 -26.01
CA VAL B 119 -0.80 12.73 -24.56
C VAL B 119 -1.92 13.50 -23.85
N ALA B 120 -3.17 13.20 -24.21
CA ALA B 120 -4.31 13.98 -23.72
C ALA B 120 -4.85 13.46 -22.40
N LEU B 121 -4.68 14.26 -21.35
CA LEU B 121 -5.16 13.90 -20.02
C LEU B 121 -6.21 14.90 -19.55
N PRO B 122 -7.33 14.40 -19.01
CA PRO B 122 -8.44 15.22 -18.51
C PRO B 122 -7.99 16.38 -17.60
N ASP B 123 -8.78 17.44 -17.57
CA ASP B 123 -8.45 18.62 -16.78
C ASP B 123 -8.49 18.32 -15.28
N ASN B 124 -9.22 17.27 -14.91
CA ASN B 124 -9.41 16.90 -13.51
C ASN B 124 -8.63 15.64 -13.13
N LEU B 125 -7.48 15.44 -13.75
CA LEU B 125 -6.63 14.30 -13.44
C LEU B 125 -6.21 14.33 -11.97
N SER B 126 -6.00 15.55 -11.45
CA SER B 126 -5.64 15.75 -10.05
C SER B 126 -6.65 15.13 -9.11
N GLU B 127 -7.94 15.25 -9.45
CA GLU B 127 -9.02 14.69 -8.64
C GLU B 127 -9.09 13.17 -8.77
N LEU B 128 -8.72 12.67 -9.95
CA LEU B 128 -8.69 11.23 -10.19
C LEU B 128 -7.67 10.55 -9.29
N GLN B 129 -6.41 10.98 -9.42
CA GLN B 129 -5.32 10.46 -8.61
C GLN B 129 -5.59 10.58 -7.11
N LYS B 130 -6.36 11.59 -6.74
CA LYS B 130 -6.67 11.85 -5.34
C LYS B 130 -7.57 10.76 -4.75
N ILE B 131 -8.44 10.17 -5.56
CA ILE B 131 -9.37 9.17 -5.03
C ILE B 131 -8.79 7.77 -5.01
N VAL B 132 -8.04 7.38 -6.03
CA VAL B 132 -7.44 6.04 -6.03
C VAL B 132 -6.49 5.89 -4.84
N MET B 133 -5.80 6.98 -4.50
CA MET B 133 -4.86 6.98 -3.38
C MET B 133 -5.63 7.02 -2.06
N SER B 134 -6.75 7.71 -2.06
CA SER B 134 -7.63 7.75 -0.91
C SER B 134 -8.11 6.35 -0.55
N ARG B 135 -8.51 5.60 -1.58
CA ARG B 135 -9.04 4.25 -1.37
C ARG B 135 -7.91 3.25 -1.15
N TYR B 136 -6.75 3.54 -1.75
CA TYR B 136 -5.58 2.69 -1.57
C TYR B 136 -5.22 2.64 -0.09
N ASN B 137 -5.12 3.81 0.53
CA ASN B 137 -4.77 3.91 1.94
C ASN B 137 -5.95 3.61 2.86
N LEU B 138 -6.93 2.87 2.36
CA LEU B 138 -8.01 2.36 3.18
C LEU B 138 -7.70 0.95 3.61
N GLY B 139 -6.74 0.34 2.92
CA GLY B 139 -6.38 -1.04 3.15
C GLY B 139 -7.58 -1.96 3.02
N ILE B 140 -7.65 -2.94 3.91
CA ILE B 140 -8.78 -3.84 3.96
C ILE B 140 -9.56 -3.57 5.22
N LEU B 141 -10.78 -3.05 5.07
CA LEU B 141 -11.63 -2.76 6.22
C LEU B 141 -12.23 -4.07 6.73
N GLU B 142 -12.55 -4.11 8.02
CA GLU B 142 -13.06 -5.33 8.65
C GLU B 142 -14.36 -5.77 7.98
N ASP B 143 -15.23 -4.80 7.72
CA ASP B 143 -16.51 -5.07 7.08
C ASP B 143 -16.33 -5.42 5.60
N SER B 144 -15.19 -5.00 5.03
CA SER B 144 -14.96 -5.14 3.59
C SER B 144 -14.99 -6.58 3.09
N LEU B 145 -14.11 -7.43 3.62
CA LEU B 145 -14.11 -8.83 3.24
C LEU B 145 -15.45 -9.50 3.53
N SER B 146 -16.25 -9.66 2.48
CA SER B 146 -17.53 -10.34 2.55
C SER B 146 -17.95 -10.58 1.11
N HIS B 147 -18.85 -11.53 0.90
CA HIS B 147 -19.17 -11.96 -0.45
C HIS B 147 -20.43 -11.30 -1.00
N ARG B 148 -20.35 -10.80 -2.23
CA ARG B 148 -21.54 -10.41 -2.98
C ARG B 148 -21.57 -11.22 -4.28
N PRO B 149 -22.72 -11.84 -4.57
CA PRO B 149 -22.81 -12.75 -5.72
C PRO B 149 -22.83 -12.00 -7.04
N LEU B 150 -22.36 -12.67 -8.09
CA LEU B 150 -22.31 -12.07 -9.42
C LEU B 150 -23.67 -12.16 -10.08
N GLY B 151 -24.20 -13.39 -10.15
CA GLY B 151 -25.50 -13.62 -10.76
C GLY B 151 -25.50 -13.42 -12.26
N ASN B 152 -26.26 -12.43 -12.73
CA ASN B 152 -26.28 -12.10 -14.15
C ASN B 152 -25.06 -11.28 -14.55
N THR B 153 -24.10 -11.94 -15.19
CA THR B 153 -22.86 -11.28 -15.61
C THR B 153 -22.81 -11.09 -17.12
N LEU B 154 -22.30 -9.95 -17.56
CA LEU B 154 -22.16 -9.68 -19.00
C LEU B 154 -20.68 -9.57 -19.38
N LEU B 155 -20.24 -10.49 -20.24
CA LEU B 155 -18.83 -10.54 -20.61
C LEU B 155 -18.64 -10.15 -22.08
N THR B 156 -17.52 -9.51 -22.39
CA THR B 156 -17.22 -9.13 -23.76
C THR B 156 -16.10 -9.99 -24.36
N GLY B 157 -15.19 -10.42 -23.51
CA GLY B 157 -13.93 -11.01 -23.94
C GLY B 157 -13.88 -12.41 -24.51
N ALA B 158 -14.99 -13.13 -24.50
CA ALA B 158 -15.04 -14.45 -25.14
C ALA B 158 -14.80 -14.18 -26.61
N THR B 159 -14.23 -15.17 -27.30
CA THR B 159 -13.58 -15.06 -28.62
C THR B 159 -12.08 -14.83 -28.41
N GLY B 160 -11.74 -14.27 -27.24
CA GLY B 160 -10.36 -14.01 -26.90
C GLY B 160 -9.77 -15.01 -25.93
N PHE B 161 -8.53 -14.77 -25.49
CA PHE B 161 -7.82 -15.68 -24.59
C PHE B 161 -8.40 -15.65 -23.19
N LEU B 162 -8.16 -14.55 -22.49
CA LEU B 162 -8.65 -14.41 -21.12
C LEU B 162 -10.16 -14.60 -21.03
N GLY B 163 -10.86 -14.28 -22.12
CA GLY B 163 -12.30 -14.44 -22.15
C GLY B 163 -12.75 -15.88 -21.99
N ALA B 164 -12.09 -16.79 -22.70
CA ALA B 164 -12.50 -18.18 -22.68
C ALA B 164 -12.21 -18.76 -21.30
N TYR B 165 -11.05 -18.43 -20.74
CA TYR B 165 -10.69 -18.93 -19.42
C TYR B 165 -11.44 -18.19 -18.33
N LEU B 166 -12.06 -17.07 -18.69
CA LEU B 166 -12.90 -16.36 -17.74
C LEU B 166 -14.27 -17.02 -17.60
N ILE B 167 -14.83 -17.52 -18.71
CA ILE B 167 -16.13 -18.18 -18.61
C ILE B 167 -16.02 -19.57 -18.01
N GLU B 168 -14.79 -20.06 -17.89
CA GLU B 168 -14.58 -21.36 -17.25
C GLU B 168 -14.39 -21.15 -15.76
N ALA B 169 -13.86 -19.98 -15.40
CA ALA B 169 -13.53 -19.70 -14.01
C ALA B 169 -14.71 -19.18 -13.19
N LEU B 170 -15.68 -18.55 -13.84
CA LEU B 170 -16.89 -18.14 -13.14
C LEU B 170 -18.05 -19.09 -13.43
N GLN B 171 -17.70 -20.34 -13.73
CA GLN B 171 -18.70 -21.38 -13.93
C GLN B 171 -19.14 -21.90 -12.56
N GLY B 172 -20.27 -21.41 -12.07
CA GLY B 172 -20.78 -21.85 -10.80
C GLY B 172 -20.93 -20.73 -9.78
N TYR B 173 -20.21 -19.64 -10.01
CA TYR B 173 -20.32 -18.46 -9.17
C TYR B 173 -21.31 -17.49 -9.79
N SER B 174 -21.83 -17.87 -10.95
CA SER B 174 -22.67 -16.96 -11.72
C SER B 174 -23.97 -17.62 -12.18
N HIS B 175 -25.04 -16.85 -12.12
CA HIS B 175 -26.36 -17.31 -12.58
C HIS B 175 -26.29 -17.71 -14.04
N ARG B 176 -26.37 -16.72 -14.92
CA ARG B 176 -26.20 -16.93 -16.35
C ARG B 176 -25.18 -15.94 -16.90
N ILE B 177 -24.36 -16.40 -17.83
CA ILE B 177 -23.36 -15.54 -18.44
C ILE B 177 -23.87 -15.06 -19.79
N TYR B 178 -23.96 -13.74 -19.95
CA TYR B 178 -24.38 -13.16 -21.22
C TYR B 178 -23.16 -12.63 -21.97
N CYS B 179 -22.76 -13.35 -23.01
CA CYS B 179 -21.59 -12.96 -23.80
C CYS B 179 -21.94 -12.06 -24.99
N PHE B 180 -21.46 -10.83 -24.95
CA PHE B 180 -21.71 -9.88 -26.02
C PHE B 180 -20.62 -10.00 -27.09
N ILE B 181 -20.98 -10.54 -28.25
CA ILE B 181 -20.02 -10.74 -29.34
C ILE B 181 -20.41 -10.01 -30.61
N ARG B 182 -19.47 -9.26 -31.18
CA ARG B 182 -19.72 -8.56 -32.43
C ARG B 182 -19.66 -9.56 -33.58
N ALA B 183 -20.82 -9.82 -34.19
CA ALA B 183 -20.92 -10.77 -35.28
C ALA B 183 -22.22 -10.51 -36.04
N ASP B 184 -22.26 -10.88 -37.32
CA ASP B 184 -23.35 -10.49 -38.23
C ASP B 184 -24.72 -11.12 -37.97
N ASN B 185 -24.78 -12.11 -37.09
CA ASN B 185 -26.04 -12.70 -36.65
C ASN B 185 -25.83 -13.63 -35.47
N GLU B 186 -26.91 -14.26 -35.00
CA GLU B 186 -26.81 -15.11 -33.83
C GLU B 186 -26.09 -16.42 -34.15
N GLU B 187 -26.35 -16.95 -35.35
CA GLU B 187 -25.71 -18.19 -35.79
C GLU B 187 -24.19 -18.05 -35.72
N ILE B 188 -23.67 -16.97 -36.28
CA ILE B 188 -22.22 -16.79 -36.40
C ILE B 188 -21.57 -16.51 -35.05
N ALA B 189 -22.23 -15.73 -34.21
CA ALA B 189 -21.70 -15.41 -32.88
C ALA B 189 -21.54 -16.65 -32.03
N TRP B 190 -22.52 -17.56 -32.08
CA TRP B 190 -22.39 -18.84 -31.39
C TRP B 190 -21.18 -19.60 -31.89
N TYR B 191 -21.07 -19.72 -33.21
CA TYR B 191 -19.95 -20.44 -33.81
C TYR B 191 -18.61 -19.86 -33.39
N LYS B 192 -18.50 -18.53 -33.44
CA LYS B 192 -17.26 -17.86 -33.07
C LYS B 192 -16.88 -18.21 -31.64
N LEU B 193 -17.87 -18.26 -30.75
CA LEU B 193 -17.64 -18.55 -29.34
C LEU B 193 -17.35 -20.02 -29.03
N MET B 194 -18.14 -20.92 -29.61
CA MET B 194 -17.96 -22.35 -29.36
C MET B 194 -16.64 -22.87 -29.89
N THR B 195 -16.25 -22.40 -31.07
CA THR B 195 -14.98 -22.78 -31.66
C THR B 195 -13.83 -22.40 -30.74
N ASN B 196 -13.96 -21.23 -30.12
CA ASN B 196 -12.99 -20.74 -29.16
C ASN B 196 -12.82 -21.69 -28.00
N LEU B 197 -13.92 -21.96 -27.31
CA LEU B 197 -13.91 -22.84 -26.14
C LEU B 197 -13.46 -24.25 -26.47
N ASN B 198 -13.81 -24.72 -27.65
CA ASN B 198 -13.47 -26.08 -28.08
C ASN B 198 -11.98 -26.34 -28.14
N ASP B 199 -11.19 -25.30 -28.33
CA ASP B 199 -9.74 -25.42 -28.38
C ASP B 199 -9.12 -25.59 -27.02
N TYR B 200 -9.63 -24.82 -26.05
CA TYR B 200 -9.05 -24.80 -24.71
C TYR B 200 -9.54 -25.93 -23.80
N PHE B 201 -10.74 -26.43 -24.05
CA PHE B 201 -11.29 -27.48 -23.19
C PHE B 201 -11.83 -28.68 -23.97
N SER B 202 -12.22 -29.71 -23.23
CA SER B 202 -12.79 -30.92 -23.81
C SER B 202 -14.24 -30.69 -24.18
N GLU B 203 -14.74 -31.49 -25.10
CA GLU B 203 -16.13 -31.37 -25.53
C GLU B 203 -17.09 -31.69 -24.40
N GLU B 204 -16.61 -32.49 -23.45
CA GLU B 204 -17.41 -32.88 -22.30
C GLU B 204 -17.64 -31.68 -21.38
N THR B 205 -16.56 -30.95 -21.10
CA THR B 205 -16.61 -29.82 -20.15
C THR B 205 -17.15 -28.54 -20.80
N VAL B 206 -17.14 -28.50 -22.13
CA VAL B 206 -17.70 -27.35 -22.85
C VAL B 206 -19.22 -27.42 -22.89
N GLU B 207 -19.76 -28.64 -23.04
CA GLU B 207 -21.20 -28.84 -23.05
C GLU B 207 -21.88 -28.31 -21.79
N MET B 208 -21.39 -28.72 -20.62
CA MET B 208 -21.97 -28.26 -19.36
C MET B 208 -21.83 -26.76 -19.20
N MET B 209 -20.68 -26.22 -19.59
CA MET B 209 -20.42 -24.78 -19.56
C MET B 209 -21.47 -24.06 -20.38
N LEU B 210 -21.93 -24.74 -21.43
CA LEU B 210 -22.81 -24.15 -22.43
C LEU B 210 -24.27 -24.10 -21.97
N SER B 211 -24.57 -24.82 -20.90
CA SER B 211 -25.94 -24.87 -20.38
C SER B 211 -26.42 -23.48 -19.96
N ASN B 212 -25.74 -22.86 -19.00
CA ASN B 212 -26.13 -21.55 -18.51
C ASN B 212 -25.32 -20.41 -19.11
N ILE B 213 -25.59 -20.10 -20.37
CA ILE B 213 -24.92 -19.01 -21.06
C ILE B 213 -25.71 -18.62 -22.32
N GLU B 214 -25.74 -17.33 -22.65
CA GLU B 214 -26.45 -16.87 -23.83
C GLU B 214 -25.63 -15.86 -24.61
N VAL B 215 -25.94 -15.70 -25.89
CA VAL B 215 -25.18 -14.85 -26.76
C VAL B 215 -25.96 -13.57 -27.10
N ILE B 216 -25.25 -12.46 -27.14
CA ILE B 216 -25.83 -11.18 -27.50
C ILE B 216 -25.17 -10.65 -28.76
N VAL B 217 -25.74 -10.96 -29.92
CA VAL B 217 -25.19 -10.50 -31.19
C VAL B 217 -25.26 -8.97 -31.27
N GLY B 218 -24.12 -8.33 -31.46
CA GLY B 218 -24.06 -6.89 -31.51
C GLY B 218 -23.43 -6.39 -32.79
N ASP B 219 -23.85 -5.21 -33.24
CA ASP B 219 -23.36 -4.66 -34.49
C ASP B 219 -21.94 -4.10 -34.33
N PHE B 220 -21.11 -4.28 -35.34
CA PHE B 220 -19.72 -3.87 -35.29
C PHE B 220 -19.54 -2.36 -35.46
N GLU B 221 -20.29 -1.77 -36.38
CA GLU B 221 -20.22 -0.34 -36.63
C GLU B 221 -20.69 0.45 -35.41
N CYS B 222 -21.91 0.17 -34.96
CA CYS B 222 -22.49 0.90 -33.84
C CYS B 222 -22.51 0.08 -32.54
N MET B 223 -22.14 0.74 -31.45
CA MET B 223 -22.29 0.16 -30.12
C MET B 223 -23.39 0.96 -29.42
N ASP B 224 -24.51 1.08 -30.10
CA ASP B 224 -25.64 1.86 -29.63
C ASP B 224 -26.91 1.02 -29.63
N ASP B 225 -27.93 1.50 -28.92
CA ASP B 225 -29.26 0.88 -28.93
C ASP B 225 -29.27 -0.59 -28.51
N VAL B 226 -28.23 -1.00 -27.78
CA VAL B 226 -28.11 -2.39 -27.35
C VAL B 226 -29.21 -2.73 -26.34
N VAL B 227 -30.15 -3.57 -26.76
CA VAL B 227 -31.26 -3.97 -25.89
C VAL B 227 -30.98 -5.30 -25.20
N LEU B 228 -30.77 -5.23 -23.89
CA LEU B 228 -30.38 -6.39 -23.09
C LEU B 228 -31.59 -7.02 -22.40
N PRO B 229 -31.59 -8.35 -22.26
CA PRO B 229 -32.73 -9.06 -21.69
C PRO B 229 -32.56 -9.51 -20.24
N GLU B 230 -32.41 -8.55 -19.31
CA GLU B 230 -32.35 -8.71 -17.85
C GLU B 230 -31.43 -7.65 -17.24
N ASN B 231 -31.57 -7.39 -15.94
CA ASN B 231 -30.66 -6.48 -15.27
C ASN B 231 -29.34 -7.15 -14.93
N MET B 232 -28.29 -6.76 -15.66
CA MET B 232 -26.95 -7.26 -15.41
C MET B 232 -26.36 -6.58 -14.19
N ASP B 233 -26.03 -7.35 -13.16
CA ASP B 233 -25.47 -6.78 -11.93
C ASP B 233 -23.94 -6.72 -11.99
N THR B 234 -23.35 -7.48 -12.90
CA THR B 234 -21.91 -7.51 -13.03
C THR B 234 -21.52 -7.42 -14.50
N ILE B 235 -20.49 -6.62 -14.79
CA ILE B 235 -19.99 -6.50 -16.16
C ILE B 235 -18.47 -6.60 -16.20
N ILE B 236 -17.95 -7.57 -16.94
CA ILE B 236 -16.51 -7.69 -17.12
C ILE B 236 -16.14 -7.38 -18.56
N HIS B 237 -15.28 -6.38 -18.74
CA HIS B 237 -14.88 -5.95 -20.06
C HIS B 237 -13.45 -6.39 -20.35
N ALA B 238 -13.28 -7.32 -21.30
CA ALA B 238 -11.94 -7.73 -21.75
C ALA B 238 -11.60 -7.08 -23.09
N GLY B 239 -12.63 -6.87 -23.91
CA GLY B 239 -12.57 -5.96 -25.03
C GLY B 239 -11.53 -6.17 -26.12
N ALA B 240 -11.56 -7.33 -26.76
CA ALA B 240 -10.74 -7.54 -27.94
C ALA B 240 -11.24 -6.63 -29.07
N ARG B 241 -10.31 -6.01 -29.80
CA ARG B 241 -10.67 -5.21 -30.97
C ARG B 241 -10.08 -5.80 -32.25
N THR B 242 -10.76 -5.59 -33.37
CA THR B 242 -10.30 -6.10 -34.66
C THR B 242 -8.99 -5.44 -35.06
N ASP B 243 -7.88 -6.08 -34.70
CA ASP B 243 -6.55 -5.53 -34.96
C ASP B 243 -6.08 -5.74 -36.40
N HIS B 244 -6.71 -6.69 -37.10
CA HIS B 244 -6.31 -7.05 -38.46
C HIS B 244 -6.91 -6.12 -39.51
N PHE B 245 -7.75 -5.18 -39.07
CA PHE B 245 -8.31 -4.17 -39.96
C PHE B 245 -7.48 -2.88 -39.87
N GLY B 246 -7.11 -2.33 -41.04
CA GLY B 246 -6.21 -1.19 -41.12
C GLY B 246 -6.71 0.05 -40.36
N ASP B 247 -5.77 0.83 -39.82
CA ASP B 247 -6.11 2.01 -39.04
C ASP B 247 -5.01 3.05 -39.00
N ASP B 248 -5.40 4.31 -38.93
CA ASP B 248 -4.46 5.41 -38.74
C ASP B 248 -4.46 5.82 -37.28
N ASP B 249 -4.17 4.85 -36.41
CA ASP B 249 -4.33 5.01 -34.96
C ASP B 249 -5.77 5.44 -34.64
N GLU B 250 -6.70 4.96 -35.47
CA GLU B 250 -8.11 5.33 -35.36
C GLU B 250 -8.97 4.15 -34.92
N PHE B 251 -8.41 2.94 -34.99
CA PHE B 251 -9.05 1.76 -34.43
C PHE B 251 -8.77 1.72 -32.93
N GLU B 252 -8.02 2.71 -32.46
CA GLU B 252 -7.59 2.78 -31.08
C GLU B 252 -8.35 3.85 -30.31
N LYS B 253 -9.17 4.61 -31.04
CA LYS B 253 -10.05 5.60 -30.43
C LYS B 253 -11.45 5.02 -30.32
N VAL B 254 -11.73 4.04 -31.17
CA VAL B 254 -13.01 3.33 -31.14
C VAL B 254 -13.00 2.29 -30.03
N ASN B 255 -11.81 1.98 -29.53
CA ASN B 255 -11.67 1.12 -28.36
C ASN B 255 -12.16 1.85 -27.12
N VAL B 256 -11.69 3.09 -26.96
CA VAL B 256 -12.10 3.93 -25.85
C VAL B 256 -13.59 4.21 -25.97
N GLN B 257 -14.07 4.35 -27.20
CA GLN B 257 -15.49 4.48 -27.45
C GLN B 257 -16.19 3.19 -27.05
N GLY B 258 -15.55 2.06 -27.35
CA GLY B 258 -16.08 0.76 -27.00
C GLY B 258 -16.09 0.53 -25.50
N THR B 259 -15.23 1.26 -24.80
CA THR B 259 -15.18 1.18 -23.33
C THR B 259 -16.23 2.11 -22.72
N VAL B 260 -16.27 3.35 -23.20
CA VAL B 260 -17.18 4.35 -22.66
C VAL B 260 -18.64 3.94 -22.90
N ASP B 261 -18.85 3.04 -23.85
CA ASP B 261 -20.19 2.55 -24.14
C ASP B 261 -20.60 1.47 -23.16
N VAL B 262 -19.63 0.74 -22.64
CA VAL B 262 -19.89 -0.26 -21.61
C VAL B 262 -20.23 0.44 -20.29
N ILE B 263 -19.49 1.49 -19.98
CA ILE B 263 -19.70 2.29 -18.78
C ILE B 263 -21.11 2.86 -18.76
N ARG B 264 -21.52 3.43 -19.89
CA ARG B 264 -22.86 3.99 -20.06
C ARG B 264 -23.92 2.95 -19.73
N LEU B 265 -23.65 1.71 -20.11
CA LEU B 265 -24.55 0.59 -19.87
C LEU B 265 -24.43 0.10 -18.43
N ALA B 266 -23.29 0.36 -17.81
CA ALA B 266 -23.06 -0.05 -16.43
C ALA B 266 -23.88 0.80 -15.46
N GLN B 267 -23.91 2.10 -15.71
CA GLN B 267 -24.70 3.01 -14.88
C GLN B 267 -26.19 2.77 -15.07
N GLN B 268 -26.58 2.55 -16.32
CA GLN B 268 -27.98 2.34 -16.70
C GLN B 268 -28.60 1.15 -15.98
N HIS B 269 -27.77 0.18 -15.61
CA HIS B 269 -28.24 -1.01 -14.92
C HIS B 269 -27.96 -0.98 -13.42
N HIS B 270 -27.14 -0.01 -13.00
CA HIS B 270 -26.56 -0.01 -11.65
C HIS B 270 -25.81 -1.33 -11.42
N ALA B 271 -24.74 -1.53 -12.19
CA ALA B 271 -23.99 -2.78 -12.14
C ALA B 271 -22.60 -2.55 -11.56
N ARG B 272 -21.93 -3.64 -11.19
CA ARG B 272 -20.52 -3.58 -10.84
C ARG B 272 -19.68 -3.83 -12.07
N LEU B 273 -18.93 -2.83 -12.50
CA LEU B 273 -18.07 -2.95 -13.66
C LEU B 273 -16.66 -3.40 -13.29
N ILE B 274 -16.16 -4.40 -13.99
CA ILE B 274 -14.79 -4.85 -13.83
C ILE B 274 -14.09 -4.62 -15.16
N TYR B 275 -13.16 -3.67 -15.20
CA TYR B 275 -12.42 -3.42 -16.44
C TYR B 275 -11.02 -4.01 -16.41
N VAL B 276 -10.76 -4.96 -17.31
CA VAL B 276 -9.45 -5.58 -17.39
C VAL B 276 -8.50 -4.74 -18.24
N SER B 277 -7.43 -4.26 -17.62
CA SER B 277 -6.37 -3.54 -18.31
C SER B 277 -5.07 -4.34 -18.33
N THR B 278 -3.97 -3.67 -18.63
CA THR B 278 -2.69 -4.33 -18.72
C THR B 278 -1.67 -3.61 -17.87
N ILE B 279 -0.76 -4.36 -17.24
CA ILE B 279 0.29 -3.74 -16.44
C ILE B 279 1.22 -2.94 -17.33
N SER B 280 1.19 -3.24 -18.63
CA SER B 280 2.02 -2.52 -19.59
C SER B 280 1.56 -1.07 -19.73
N VAL B 281 0.49 -0.71 -19.05
CA VAL B 281 -0.04 0.65 -19.10
C VAL B 281 0.89 1.62 -18.36
N GLY B 282 1.85 1.07 -17.63
CA GLY B 282 2.82 1.88 -16.92
C GLY B 282 4.09 1.14 -16.57
N THR B 283 4.58 0.32 -17.49
CA THR B 283 5.77 -0.49 -17.23
C THR B 283 7.01 0.07 -17.93
N TYR B 284 6.80 1.01 -18.84
CA TYR B 284 7.91 1.61 -19.58
C TYR B 284 8.08 3.08 -19.23
N PHE B 285 9.30 3.45 -18.83
CA PHE B 285 9.61 4.82 -18.46
C PHE B 285 10.77 5.40 -19.26
N ASP B 286 10.77 6.71 -19.46
CA ASP B 286 11.86 7.40 -20.14
C ASP B 286 13.16 7.27 -19.34
N ILE B 287 14.28 7.25 -20.04
CA ILE B 287 15.57 7.21 -19.38
C ILE B 287 15.79 8.54 -18.68
N ASP B 288 16.63 8.53 -17.64
CA ASP B 288 16.91 9.72 -16.85
C ASP B 288 15.70 10.29 -16.12
N THR B 289 14.91 9.40 -15.51
CA THR B 289 13.83 9.81 -14.63
C THR B 289 14.12 9.33 -13.21
N GLU B 290 13.98 10.22 -12.23
CA GLU B 290 14.34 9.93 -10.85
C GLU B 290 13.56 8.77 -10.26
N ASP B 291 12.25 8.94 -10.09
CA ASP B 291 11.41 7.89 -9.53
C ASP B 291 10.66 7.15 -10.64
N VAL B 292 10.54 5.83 -10.49
CA VAL B 292 10.09 4.98 -11.58
C VAL B 292 9.17 3.85 -11.13
N THR B 293 8.83 3.84 -9.85
CA THR B 293 7.97 2.81 -9.28
C THR B 293 6.54 2.92 -9.79
N PHE B 294 5.85 1.79 -9.92
CA PHE B 294 4.47 1.80 -10.35
C PHE B 294 3.65 0.84 -9.49
N SER B 295 2.59 1.36 -8.87
CA SER B 295 1.80 0.60 -7.92
C SER B 295 0.32 0.77 -8.14
N GLU B 296 -0.49 0.01 -7.41
CA GLU B 296 -1.94 0.06 -7.55
C GLU B 296 -2.52 1.42 -7.17
N ALA B 297 -1.66 2.34 -6.77
CA ALA B 297 -2.09 3.67 -6.38
C ALA B 297 -1.81 4.68 -7.49
N ASP B 298 -1.03 4.25 -8.49
CA ASP B 298 -0.58 5.15 -9.54
C ASP B 298 -1.46 5.09 -10.78
N VAL B 299 -1.94 6.26 -11.22
CA VAL B 299 -2.72 6.36 -12.45
C VAL B 299 -1.82 6.89 -13.55
N TYR B 300 -1.35 8.12 -13.39
CA TYR B 300 -0.37 8.69 -14.29
C TYR B 300 0.83 9.21 -13.53
N LYS B 301 2.04 8.88 -14.02
CA LYS B 301 3.27 9.29 -13.37
C LYS B 301 4.30 9.82 -14.38
N GLY B 302 3.88 9.90 -15.64
CA GLY B 302 4.79 10.32 -16.69
C GLY B 302 5.42 9.12 -17.39
N GLN B 303 4.77 7.97 -17.27
CA GLN B 303 5.21 6.78 -17.98
C GLN B 303 4.92 6.99 -19.46
N LEU B 304 5.72 6.38 -20.32
CA LEU B 304 5.49 6.53 -21.75
C LEU B 304 4.61 5.42 -22.31
N LEU B 305 3.59 5.83 -23.03
CA LEU B 305 2.65 4.92 -23.65
C LEU B 305 3.06 4.72 -25.10
N THR B 306 3.91 3.72 -25.32
CA THR B 306 4.54 3.50 -26.60
C THR B 306 3.56 3.05 -27.67
N SER B 307 3.04 1.84 -27.51
CA SER B 307 2.13 1.22 -28.48
C SER B 307 0.76 1.89 -28.49
N PRO B 308 0.03 1.78 -29.61
CA PRO B 308 -1.32 2.34 -29.67
C PRO B 308 -2.30 1.51 -28.85
N TYR B 309 -2.01 0.23 -28.71
CA TYR B 309 -2.81 -0.64 -27.86
C TYR B 309 -2.73 -0.18 -26.41
N THR B 310 -1.50 0.00 -25.93
CA THR B 310 -1.27 0.45 -24.56
C THR B 310 -1.94 1.79 -24.29
N ARG B 311 -1.81 2.71 -25.24
CA ARG B 311 -2.37 4.05 -25.09
C ARG B 311 -3.90 4.03 -25.00
N SER B 312 -4.52 2.96 -25.50
CA SER B 312 -5.98 2.84 -25.47
C SER B 312 -6.45 2.18 -24.18
N LYS B 313 -5.73 1.15 -23.76
CA LYS B 313 -6.03 0.49 -22.48
C LYS B 313 -5.72 1.46 -21.34
N PHE B 314 -5.00 2.53 -21.67
CA PHE B 314 -4.73 3.60 -20.71
C PHE B 314 -5.92 4.54 -20.62
N TYR B 315 -6.41 4.96 -21.78
CA TYR B 315 -7.48 5.96 -21.82
C TYR B 315 -8.78 5.45 -21.24
N SER B 316 -9.05 4.16 -21.41
CA SER B 316 -10.24 3.55 -20.85
C SER B 316 -10.11 3.43 -19.33
N GLU B 317 -8.88 3.22 -18.86
CA GLU B 317 -8.61 3.24 -17.42
C GLU B 317 -9.02 4.59 -16.85
N LEU B 318 -8.76 5.65 -17.63
CA LEU B 318 -9.15 7.00 -17.24
C LEU B 318 -10.66 7.19 -17.33
N LYS B 319 -11.25 6.69 -18.40
CA LYS B 319 -12.69 6.81 -18.59
C LYS B 319 -13.47 6.01 -17.54
N VAL B 320 -12.89 4.91 -17.08
CA VAL B 320 -13.49 4.11 -16.03
C VAL B 320 -13.31 4.81 -14.67
N LEU B 321 -12.20 5.52 -14.53
CA LEU B 321 -11.92 6.27 -13.31
C LEU B 321 -12.87 7.44 -13.09
N GLU B 322 -13.00 8.32 -14.09
CA GLU B 322 -13.84 9.50 -13.94
C GLU B 322 -15.31 9.14 -13.77
N ALA B 323 -15.68 7.93 -14.17
CA ALA B 323 -17.04 7.45 -14.00
C ALA B 323 -17.23 6.82 -12.63
N VAL B 324 -16.15 6.31 -12.06
CA VAL B 324 -16.19 5.72 -10.73
C VAL B 324 -16.30 6.83 -9.69
N ASN B 325 -15.89 8.04 -10.10
CA ASN B 325 -16.02 9.21 -9.27
C ASN B 325 -17.49 9.60 -9.15
N ASN B 326 -18.21 9.48 -10.27
CA ASN B 326 -19.60 9.88 -10.34
C ASN B 326 -20.59 8.79 -9.89
N GLY B 327 -20.29 8.14 -8.77
CA GLY B 327 -21.22 7.23 -8.13
C GLY B 327 -21.13 5.77 -8.52
N LEU B 328 -20.49 5.48 -9.66
CA LEU B 328 -20.45 4.12 -10.20
C LEU B 328 -19.51 3.20 -9.41
N ASP B 329 -19.96 1.97 -9.16
CA ASP B 329 -19.11 0.93 -8.57
C ASP B 329 -18.32 0.24 -9.67
N GLY B 330 -17.03 0.51 -9.72
CA GLY B 330 -16.18 -0.08 -10.73
C GLY B 330 -14.74 -0.19 -10.27
N ARG B 331 -13.99 -1.10 -10.88
CA ARG B 331 -12.60 -1.30 -10.51
C ARG B 331 -11.79 -1.80 -11.69
N ILE B 332 -10.49 -1.52 -11.66
CA ILE B 332 -9.60 -1.87 -12.75
C ILE B 332 -8.63 -2.97 -12.33
N VAL B 333 -8.60 -4.06 -13.08
CA VAL B 333 -7.67 -5.15 -12.80
C VAL B 333 -6.58 -5.19 -13.86
N ARG B 334 -5.37 -4.77 -13.47
CA ARG B 334 -4.25 -4.76 -14.40
C ARG B 334 -3.61 -6.13 -14.45
N VAL B 335 -3.73 -6.81 -15.58
CA VAL B 335 -3.14 -8.14 -15.73
C VAL B 335 -1.74 -8.07 -16.35
N GLY B 336 -0.97 -9.14 -16.18
CA GLY B 336 0.38 -9.18 -16.70
C GLY B 336 0.41 -9.81 -18.07
N ASN B 337 1.58 -10.29 -18.47
CA ASN B 337 1.71 -11.06 -19.70
C ASN B 337 1.12 -12.45 -19.50
N LEU B 338 0.04 -12.74 -20.22
CA LEU B 338 -0.68 -14.00 -20.07
C LEU B 338 -0.03 -15.12 -20.89
N THR B 339 0.20 -16.26 -20.25
CA THR B 339 0.76 -17.42 -20.94
C THR B 339 -0.12 -18.64 -20.72
N SER B 340 0.15 -19.71 -21.46
CA SER B 340 -0.55 -20.99 -21.30
C SER B 340 -0.78 -21.33 -19.84
N PRO B 341 -1.95 -21.90 -19.52
CA PRO B 341 -2.40 -22.04 -18.13
C PRO B 341 -1.53 -22.99 -17.31
N TYR B 342 -1.72 -23.01 -15.99
CA TYR B 342 -0.95 -23.93 -15.16
C TYR B 342 -1.39 -25.36 -15.42
N ASN B 343 -2.65 -25.66 -15.15
CA ASN B 343 -3.21 -26.92 -15.60
C ASN B 343 -4.31 -26.73 -16.63
N GLY B 344 -3.98 -27.09 -17.86
CA GLY B 344 -4.88 -26.95 -18.99
C GLY B 344 -4.10 -27.28 -20.24
N ARG B 345 -4.73 -27.18 -21.40
CA ARG B 345 -4.03 -27.42 -22.66
C ARG B 345 -3.07 -26.27 -22.93
N TRP B 346 -1.87 -26.61 -23.38
CA TRP B 346 -0.85 -25.61 -23.64
C TRP B 346 -1.23 -24.67 -24.77
N HIS B 347 -2.18 -25.08 -25.59
CA HIS B 347 -2.54 -24.30 -26.78
C HIS B 347 -3.09 -22.91 -26.45
N MET B 348 -2.68 -21.95 -27.28
CA MET B 348 -3.17 -20.59 -27.22
C MET B 348 -3.43 -20.13 -28.64
N ARG B 349 -4.69 -19.81 -28.95
CA ARG B 349 -5.06 -19.37 -30.28
C ARG B 349 -4.35 -18.07 -30.67
N ASN B 350 -3.92 -17.99 -31.93
CA ASN B 350 -3.13 -16.88 -32.43
C ASN B 350 -1.83 -16.65 -31.67
N ILE B 351 -1.22 -17.73 -31.19
CA ILE B 351 0.07 -17.63 -30.50
C ILE B 351 1.12 -17.15 -31.50
N LYS B 352 0.83 -17.33 -32.78
CA LYS B 352 1.69 -16.87 -33.86
C LYS B 352 1.96 -15.37 -33.81
N THR B 353 1.04 -14.62 -33.19
CA THR B 353 1.11 -13.16 -33.22
C THR B 353 1.38 -12.51 -31.86
N ASN B 354 1.46 -13.33 -30.81
CA ASN B 354 1.79 -12.83 -29.49
C ASN B 354 3.26 -12.44 -29.37
N ARG B 355 3.53 -11.20 -28.97
CA ARG B 355 4.88 -10.67 -28.92
C ARG B 355 5.82 -11.50 -28.04
N PHE B 356 5.37 -11.86 -26.85
CA PHE B 356 6.24 -12.54 -25.89
C PHE B 356 6.70 -13.93 -26.32
N SER B 357 5.75 -14.78 -26.68
CA SER B 357 6.07 -16.16 -26.99
C SER B 357 7.03 -16.34 -28.18
N MET B 358 6.89 -15.50 -29.21
CA MET B 358 7.70 -15.62 -30.42
C MET B 358 9.12 -15.10 -30.23
N VAL B 359 9.30 -14.25 -29.22
CA VAL B 359 10.63 -13.75 -28.90
C VAL B 359 11.40 -14.85 -28.18
N MET B 360 10.67 -15.68 -27.45
CA MET B 360 11.27 -16.79 -26.73
C MET B 360 11.81 -17.89 -27.65
N ASN B 361 11.14 -18.11 -28.78
CA ASN B 361 11.58 -19.15 -29.71
C ASN B 361 12.83 -18.74 -30.47
N ASP B 362 12.95 -17.44 -30.73
CA ASP B 362 14.15 -16.90 -31.39
C ASP B 362 15.30 -16.91 -30.39
N LEU B 363 14.96 -17.00 -29.10
CA LEU B 363 15.95 -16.94 -28.02
C LEU B 363 16.41 -18.33 -27.59
N LEU B 364 15.61 -19.35 -27.87
CA LEU B 364 15.92 -20.70 -27.40
C LEU B 364 16.70 -21.55 -28.40
N GLN B 365 17.32 -20.90 -29.39
CA GLN B 365 18.17 -21.60 -30.35
C GLN B 365 19.63 -21.22 -30.11
N LEU B 366 19.83 -20.21 -29.25
CA LEU B 366 21.17 -19.71 -28.96
C LEU B 366 21.76 -20.34 -27.70
N ASP B 367 22.91 -19.83 -27.29
CA ASP B 367 23.59 -20.30 -26.07
C ASP B 367 24.29 -19.13 -25.37
N CYS B 368 24.20 -17.95 -25.97
CA CYS B 368 24.74 -16.74 -25.37
C CYS B 368 23.65 -15.68 -25.33
N ILE B 369 23.72 -14.78 -24.34
CA ILE B 369 22.68 -13.79 -24.15
C ILE B 369 23.23 -12.47 -23.60
N GLY B 370 22.69 -11.36 -24.09
CA GLY B 370 23.20 -10.04 -23.77
C GLY B 370 23.18 -9.64 -22.30
N VAL B 371 23.83 -8.54 -21.98
CA VAL B 371 23.89 -8.06 -20.60
C VAL B 371 22.63 -7.30 -20.24
N SER B 372 22.34 -6.24 -20.98
CA SER B 372 21.10 -5.49 -20.81
C SER B 372 19.91 -6.36 -21.17
N MET B 373 20.13 -7.27 -22.11
CA MET B 373 19.09 -8.18 -22.59
C MET B 373 18.61 -9.16 -21.53
N ALA B 374 19.54 -9.90 -20.93
CA ALA B 374 19.20 -11.00 -20.04
C ALA B 374 18.99 -10.58 -18.59
N GLU B 375 19.17 -9.30 -18.31
CA GLU B 375 18.91 -8.80 -16.97
C GLU B 375 17.43 -8.46 -16.86
N MET B 376 16.74 -8.50 -17.99
CA MET B 376 15.31 -8.18 -18.01
C MET B 376 14.49 -9.27 -17.33
N PRO B 377 13.37 -8.89 -16.70
CA PRO B 377 12.53 -9.86 -16.01
C PRO B 377 11.56 -10.52 -16.97
N VAL B 378 11.00 -11.66 -16.55
CA VAL B 378 9.98 -12.35 -17.30
C VAL B 378 9.04 -13.04 -16.31
N ASP B 379 7.75 -12.77 -16.43
CA ASP B 379 6.78 -13.42 -15.57
C ASP B 379 5.93 -14.45 -16.30
N PHE B 380 5.33 -15.36 -15.55
CA PHE B 380 4.40 -16.30 -16.12
C PHE B 380 3.03 -16.15 -15.48
N SER B 381 2.36 -15.05 -15.80
CA SER B 381 0.98 -14.86 -15.38
C SER B 381 0.13 -15.86 -16.14
N PHE B 382 -0.15 -16.99 -15.50
CA PHE B 382 -0.94 -18.03 -16.12
C PHE B 382 -2.34 -17.50 -16.39
N VAL B 383 -2.97 -17.99 -17.45
CA VAL B 383 -4.31 -17.53 -17.79
C VAL B 383 -5.35 -18.02 -16.80
N ASP B 384 -5.29 -19.29 -16.44
CA ASP B 384 -6.28 -19.85 -15.52
C ASP B 384 -6.21 -19.23 -14.14
N THR B 385 -5.01 -18.84 -13.71
CA THR B 385 -4.86 -18.21 -12.39
C THR B 385 -5.31 -16.75 -12.44
N THR B 386 -4.96 -16.05 -13.52
CA THR B 386 -5.41 -14.69 -13.72
C THR B 386 -6.94 -14.67 -13.76
N ALA B 387 -7.52 -15.66 -14.41
CA ALA B 387 -8.97 -15.79 -14.51
C ALA B 387 -9.57 -16.05 -13.14
N ARG B 388 -9.01 -17.04 -12.45
CA ARG B 388 -9.50 -17.42 -11.11
C ARG B 388 -9.45 -16.24 -10.16
N GLN B 389 -8.33 -15.51 -10.18
CA GLN B 389 -8.15 -14.37 -9.31
C GLN B 389 -9.13 -13.23 -9.60
N ILE B 390 -9.30 -12.90 -10.88
CA ILE B 390 -10.25 -11.87 -11.31
C ILE B 390 -11.68 -12.18 -10.84
N VAL B 391 -12.05 -13.45 -10.86
CA VAL B 391 -13.39 -13.87 -10.43
C VAL B 391 -13.56 -13.75 -8.92
N ALA B 392 -12.51 -14.10 -8.17
CA ALA B 392 -12.53 -13.94 -6.73
C ALA B 392 -12.63 -12.47 -6.36
N LEU B 393 -11.96 -11.63 -7.15
CA LEU B 393 -11.92 -10.20 -6.90
C LEU B 393 -13.26 -9.50 -7.12
N ALA B 394 -14.08 -10.05 -8.00
CA ALA B 394 -15.35 -9.41 -8.35
C ALA B 394 -16.43 -9.71 -7.33
N GLN B 395 -16.20 -10.72 -6.50
CA GLN B 395 -17.18 -11.16 -5.52
C GLN B 395 -17.03 -10.46 -4.17
N VAL B 396 -15.80 -10.25 -3.72
CA VAL B 396 -15.57 -9.50 -2.49
C VAL B 396 -15.63 -8.00 -2.74
N ASN B 397 -16.56 -7.32 -2.08
CA ASN B 397 -16.56 -5.86 -2.11
C ASN B 397 -15.37 -5.34 -1.30
N THR B 398 -14.54 -4.54 -1.96
CA THR B 398 -13.31 -4.08 -1.35
C THR B 398 -13.01 -2.68 -1.88
N PRO B 399 -12.60 -1.76 -1.00
CA PRO B 399 -12.60 -0.31 -1.27
C PRO B 399 -11.68 0.16 -2.41
N GLN B 400 -10.58 -0.54 -2.67
CA GLN B 400 -9.64 -0.10 -3.69
C GLN B 400 -10.27 -0.03 -5.08
N ILE B 401 -9.61 0.70 -5.97
CA ILE B 401 -10.15 0.90 -7.31
C ILE B 401 -9.25 0.22 -8.36
N ILE B 402 -7.96 0.12 -8.07
CA ILE B 402 -7.05 -0.52 -9.00
C ILE B 402 -6.35 -1.71 -8.36
N TYR B 403 -6.31 -2.83 -9.08
CA TYR B 403 -5.68 -4.05 -8.60
C TYR B 403 -4.65 -4.58 -9.61
N HIS B 404 -3.57 -5.16 -9.09
CA HIS B 404 -2.55 -5.75 -9.94
C HIS B 404 -2.58 -7.28 -9.82
N VAL B 405 -3.23 -7.93 -10.78
CA VAL B 405 -3.25 -9.39 -10.82
C VAL B 405 -2.14 -9.90 -11.73
N LEU B 406 -1.05 -10.31 -11.09
CA LEU B 406 0.21 -10.55 -11.78
C LEU B 406 1.00 -11.57 -10.99
N SER B 407 1.67 -12.47 -11.70
CA SER B 407 2.59 -13.40 -11.05
C SER B 407 3.71 -12.61 -10.40
N PRO B 408 3.84 -12.73 -9.07
CA PRO B 408 4.89 -12.02 -8.33
C PRO B 408 6.21 -12.79 -8.38
N ASN B 409 6.19 -13.97 -8.98
CA ASN B 409 7.39 -14.78 -9.14
C ASN B 409 8.16 -14.41 -10.40
N LYS B 410 8.65 -13.19 -10.46
CA LYS B 410 9.41 -12.74 -11.62
C LYS B 410 10.85 -13.21 -11.52
N MET B 411 11.42 -13.57 -12.67
CA MET B 411 12.79 -14.06 -12.74
C MET B 411 13.51 -13.47 -13.94
N PRO B 412 14.84 -13.32 -13.83
CA PRO B 412 15.59 -12.84 -14.99
C PRO B 412 15.65 -13.93 -16.06
N VAL B 413 15.79 -13.54 -17.32
CA VAL B 413 15.88 -14.49 -18.42
C VAL B 413 17.08 -15.43 -18.25
N LYS B 414 18.10 -14.94 -17.54
CA LYS B 414 19.27 -15.74 -17.20
C LYS B 414 18.90 -17.07 -16.57
N SER B 415 18.29 -17.00 -15.38
CA SER B 415 17.93 -18.18 -14.61
C SER B 415 16.75 -18.97 -15.21
N LEU B 416 16.23 -18.50 -16.33
CA LEU B 416 15.20 -19.22 -17.06
C LEU B 416 15.84 -20.11 -18.13
N LEU B 417 16.95 -19.64 -18.70
CA LEU B 417 17.64 -20.41 -19.73
C LEU B 417 18.63 -21.38 -19.11
N GLU B 418 18.88 -21.22 -17.82
CA GLU B 418 19.68 -22.18 -17.06
C GLU B 418 18.80 -23.37 -16.67
N CYS B 419 17.49 -23.18 -16.73
CA CYS B 419 16.54 -24.23 -16.37
C CYS B 419 15.93 -24.92 -17.60
N VAL B 420 16.18 -24.37 -18.78
CA VAL B 420 15.69 -24.98 -20.01
C VAL B 420 16.81 -25.72 -20.74
N LYS B 421 18.04 -25.29 -20.53
CA LYS B 421 19.19 -25.96 -21.12
C LYS B 421 19.96 -26.77 -20.08
N ARG B 422 19.60 -26.56 -18.82
CA ARG B 422 20.22 -27.26 -17.67
C ARG B 422 21.72 -26.97 -17.53
N LYS B 423 22.22 -26.03 -18.32
CA LYS B 423 23.65 -25.68 -18.34
C LYS B 423 23.86 -24.30 -17.75
N GLU B 424 24.93 -23.64 -18.19
CA GLU B 424 25.12 -22.22 -17.94
C GLU B 424 25.24 -21.45 -19.26
N ILE B 425 24.41 -20.43 -19.40
CA ILE B 425 24.51 -19.53 -20.55
C ILE B 425 25.49 -18.43 -20.19
N GLU B 426 26.31 -18.01 -21.15
CA GLU B 426 27.35 -17.01 -20.87
C GLU B 426 27.05 -15.66 -21.51
N LEU B 427 27.51 -14.60 -20.84
CA LEU B 427 27.19 -13.23 -21.25
C LEU B 427 28.08 -12.71 -22.37
N VAL B 428 27.47 -11.96 -23.29
CA VAL B 428 28.19 -11.22 -24.31
C VAL B 428 27.67 -9.78 -24.31
N SER B 429 28.41 -8.86 -24.91
CA SER B 429 28.01 -7.46 -24.95
C SER B 429 26.81 -7.28 -25.88
N ASP B 430 26.14 -6.14 -25.77
CA ASP B 430 25.02 -5.83 -26.65
C ASP B 430 25.50 -5.59 -28.07
N GLU B 431 26.70 -5.06 -28.20
CA GLU B 431 27.29 -4.80 -29.51
C GLU B 431 27.57 -6.10 -30.27
N SER B 432 28.17 -7.06 -29.57
CA SER B 432 28.48 -8.37 -30.18
C SER B 432 27.21 -9.20 -30.32
N PHE B 433 26.15 -8.78 -29.64
CA PHE B 433 24.86 -9.46 -29.77
C PHE B 433 24.21 -9.10 -31.09
N ASN B 434 24.12 -7.80 -31.36
CA ASN B 434 23.53 -7.29 -32.60
C ASN B 434 24.10 -7.96 -33.85
N GLU B 435 25.37 -8.35 -33.77
CA GLU B 435 26.02 -9.07 -34.84
C GLU B 435 25.38 -10.44 -35.02
N ILE B 436 25.37 -11.24 -33.95
CA ILE B 436 24.83 -12.60 -34.01
C ILE B 436 23.32 -12.61 -34.22
N LEU B 437 22.68 -11.47 -34.01
CA LEU B 437 21.23 -11.36 -34.20
C LEU B 437 20.83 -11.24 -35.68
N GLN B 438 21.50 -10.35 -36.40
CA GLN B 438 21.19 -10.15 -37.82
C GLN B 438 21.68 -11.32 -38.67
N LYS B 439 22.58 -12.13 -38.11
CA LYS B 439 23.11 -13.29 -38.81
C LYS B 439 22.01 -14.29 -39.16
N GLN B 440 20.96 -14.31 -38.35
CA GLN B 440 19.85 -15.22 -38.57
C GLN B 440 18.54 -14.49 -38.91
N ASP B 441 18.66 -13.30 -39.51
CA ASP B 441 17.52 -12.48 -39.94
C ASP B 441 16.49 -12.31 -38.82
N MET B 442 16.93 -11.74 -37.70
CA MET B 442 16.12 -11.66 -36.48
C MET B 442 14.78 -10.95 -36.64
N TYR B 443 14.69 -10.06 -37.62
CA TYR B 443 13.45 -9.36 -37.94
C TYR B 443 12.81 -8.61 -36.77
N GLU B 444 11.58 -9.00 -36.44
CA GLU B 444 10.78 -8.27 -35.44
C GLU B 444 11.15 -8.58 -33.99
N THR B 445 11.66 -9.79 -33.74
CA THR B 445 12.02 -10.19 -32.38
C THR B 445 13.19 -9.38 -31.86
N ILE B 446 14.04 -8.93 -32.77
CA ILE B 446 15.19 -8.10 -32.42
C ILE B 446 14.76 -6.67 -32.14
N GLY B 447 13.75 -6.22 -32.87
CA GLY B 447 13.30 -4.84 -32.83
C GLY B 447 12.46 -4.49 -31.61
N LEU B 448 11.83 -5.50 -31.02
CA LEU B 448 11.06 -5.32 -29.80
C LEU B 448 11.92 -5.71 -28.61
N THR B 449 13.11 -6.21 -28.90
CA THR B 449 14.06 -6.61 -27.86
C THR B 449 14.95 -5.43 -27.52
N SER B 450 15.33 -4.65 -28.53
CA SER B 450 16.12 -3.45 -28.34
C SER B 450 15.22 -2.27 -27.97
N VAL B 451 13.91 -2.45 -28.18
CA VAL B 451 12.94 -1.43 -27.84
C VAL B 451 12.62 -1.44 -26.35
N ASP B 452 12.96 -2.55 -25.69
CA ASP B 452 12.77 -2.67 -24.25
C ASP B 452 14.07 -2.37 -23.52
N ARG B 453 15.16 -2.31 -24.27
CA ARG B 453 16.48 -2.05 -23.71
C ARG B 453 16.81 -0.56 -23.79
N GLU B 454 16.17 0.13 -24.73
CA GLU B 454 16.48 1.53 -25.00
C GLU B 454 16.00 2.50 -23.92
N GLN B 455 15.03 2.07 -23.11
CA GLN B 455 14.48 2.95 -22.07
C GLN B 455 14.59 2.35 -20.67
N GLN B 456 13.87 2.96 -19.72
CA GLN B 456 13.90 2.52 -18.33
C GLN B 456 12.69 1.65 -17.98
N LEU B 457 12.90 0.68 -17.09
CA LEU B 457 11.89 -0.34 -16.81
C LEU B 457 11.28 -0.18 -15.42
N ALA B 458 9.98 0.11 -15.36
CA ALA B 458 9.30 0.42 -14.10
C ALA B 458 9.32 -0.71 -13.08
N MET B 459 9.62 -0.38 -11.83
CA MET B 459 9.59 -1.34 -10.73
C MET B 459 8.14 -1.49 -10.24
N ILE B 460 7.51 -2.60 -10.60
CA ILE B 460 6.08 -2.79 -10.34
C ILE B 460 5.75 -3.28 -8.93
N ASP B 461 5.04 -2.45 -8.17
CA ASP B 461 4.61 -2.80 -6.83
C ASP B 461 3.27 -3.53 -6.93
N THR B 462 3.19 -4.70 -6.31
CA THR B 462 1.99 -5.53 -6.39
C THR B 462 1.54 -5.98 -5.01
N THR B 463 1.99 -5.28 -3.97
CA THR B 463 1.80 -5.74 -2.60
C THR B 463 0.36 -5.72 -2.10
N LEU B 464 -0.30 -4.58 -2.22
CA LEU B 464 -1.65 -4.40 -1.68
C LEU B 464 -2.65 -5.41 -2.27
N THR B 465 -2.47 -5.75 -3.54
CA THR B 465 -3.33 -6.72 -4.19
C THR B 465 -2.94 -8.12 -3.74
N LEU B 466 -1.65 -8.34 -3.55
CA LEU B 466 -1.16 -9.65 -3.13
C LEU B 466 -1.71 -10.01 -1.75
N LYS B 467 -1.87 -9.02 -0.88
CA LYS B 467 -2.49 -9.24 0.42
C LYS B 467 -3.90 -9.79 0.21
N ILE B 468 -4.73 -9.02 -0.47
CA ILE B 468 -6.13 -9.38 -0.68
C ILE B 468 -6.29 -10.71 -1.42
N MET B 469 -5.78 -10.78 -2.65
CA MET B 469 -5.96 -11.95 -3.49
C MET B 469 -5.32 -13.22 -2.93
N ASN B 470 -4.74 -13.12 -1.74
CA ASN B 470 -4.37 -14.30 -0.97
C ASN B 470 -4.89 -14.21 0.46
N HIS B 471 -5.67 -13.18 0.73
CA HIS B 471 -6.38 -13.06 1.99
C HIS B 471 -7.69 -13.81 1.88
N ILE B 472 -8.03 -14.18 0.65
CA ILE B 472 -9.32 -14.81 0.36
C ILE B 472 -9.17 -16.01 -0.58
N SER B 473 -8.31 -15.88 -1.58
CA SER B 473 -8.22 -16.84 -2.66
C SER B 473 -7.02 -17.76 -2.51
N GLU B 474 -6.43 -18.11 -3.64
CA GLU B 474 -5.22 -18.90 -3.68
C GLU B 474 -4.07 -17.94 -3.89
N LYS B 475 -2.86 -18.41 -3.63
CA LYS B 475 -1.68 -17.69 -4.08
C LYS B 475 -1.30 -18.27 -5.43
N TRP B 476 -0.28 -17.72 -6.05
CA TRP B 476 0.12 -18.16 -7.37
C TRP B 476 0.84 -19.50 -7.31
N PRO B 477 0.60 -20.37 -8.29
CA PRO B 477 1.25 -21.69 -8.31
C PRO B 477 2.75 -21.54 -8.51
N THR B 478 3.53 -22.32 -7.77
CA THR B 478 4.98 -22.28 -7.92
C THR B 478 5.37 -22.98 -9.21
N ILE B 479 6.04 -22.24 -10.09
CA ILE B 479 6.53 -22.79 -11.34
C ILE B 479 7.45 -23.95 -11.04
N THR B 480 7.43 -24.97 -11.90
CA THR B 480 8.30 -26.12 -11.75
C THR B 480 9.18 -26.32 -13.00
N ASN B 481 10.42 -26.75 -12.78
CA ASN B 481 11.39 -26.82 -13.87
C ASN B 481 10.97 -27.66 -15.08
N ASN B 482 10.26 -28.76 -14.84
CA ASN B 482 9.80 -29.59 -15.94
C ASN B 482 8.68 -28.92 -16.74
N TRP B 483 7.88 -28.12 -16.04
CA TRP B 483 6.78 -27.37 -16.65
C TRP B 483 7.33 -26.49 -17.77
N LEU B 484 8.41 -25.77 -17.46
CA LEU B 484 9.00 -24.88 -18.45
C LEU B 484 9.57 -25.67 -19.62
N TYR B 485 10.16 -26.82 -19.33
CA TYR B 485 10.71 -27.68 -20.37
C TYR B 485 9.61 -28.02 -21.37
N HIS B 486 8.44 -28.36 -20.84
CA HIS B 486 7.28 -28.61 -21.67
C HIS B 486 6.85 -27.33 -22.35
N TRP B 487 6.83 -26.24 -21.58
CA TRP B 487 6.47 -24.93 -22.13
C TRP B 487 7.44 -24.55 -23.22
N ALA B 488 8.71 -24.91 -23.03
CA ALA B 488 9.72 -24.66 -24.04
C ALA B 488 9.38 -25.43 -25.30
N GLN B 489 9.13 -26.73 -25.14
CA GLN B 489 8.88 -27.62 -26.27
C GLN B 489 7.70 -27.16 -27.11
N TYR B 490 6.66 -26.65 -26.46
CA TYR B 490 5.50 -26.14 -27.19
C TYR B 490 5.89 -24.96 -28.07
N ILE B 491 6.60 -23.99 -27.50
CA ILE B 491 7.00 -22.80 -28.23
C ILE B 491 7.97 -23.15 -29.36
N LYS B 492 8.78 -24.19 -29.14
CA LYS B 492 9.72 -24.64 -30.16
C LYS B 492 9.00 -25.29 -31.35
N THR B 493 8.08 -26.20 -31.04
CA THR B 493 7.38 -26.97 -32.07
C THR B 493 6.46 -26.13 -32.94
N ILE B 494 5.75 -25.20 -32.32
CA ILE B 494 4.71 -24.45 -33.02
C ILE B 494 5.27 -23.49 -34.08
N PHE B 495 6.50 -23.04 -33.89
CA PHE B 495 7.12 -22.12 -34.85
C PHE B 495 7.93 -22.85 -35.93
N ASN B 496 7.73 -24.17 -36.03
CA ASN B 496 8.37 -24.99 -37.05
C ASN B 496 7.40 -26.00 -37.66
#